data_1SZ1
#
_entry.id   1SZ1
#
_cell.length_a   218.403
_cell.length_b   218.403
_cell.length_c   170.263
_cell.angle_alpha   90.00
_cell.angle_beta   90.00
_cell.angle_gamma   120.00
#
_symmetry.space_group_name_H-M   'P 3 2 1'
#
loop_
_entity.id
_entity.type
_entity.pdbx_description
1 polymer 'T-RNA (76-MER)'
2 polymer 'tRNA nucleotidyltransferase'
#
loop_
_entity_poly.entity_id
_entity_poly.type
_entity_poly.pdbx_seq_one_letter_code
_entity_poly.pdbx_strand_id
1 'polyribonucleotide'
;GCGGAUUUA(2MG)CUCAG(H2U)(H2U)GGGAGAGC(M2G)CCAGA(OMC)U(OMG)AA(YG)A(PSU)(5MC)UGGAG
(7MG)UC(5MC)UGUG(5MU)(PSU)CG(1MA)UCCACAGAAUUCGCACCA
;
E,F
2 'polypeptide(L)'
;MKVEEILEKALELVIPDEEEVRKGREAEEELRRRLDELGVEYVFVGSYARNTWLKGSLEIDVFLLFPEEFSKEELRERGL
EIGKAVLDSYEIRYAEHPYVHGVVKGVEVDVVPCYKLKEPKNIKSAVDRTPFHHKWLEGRIKGKENEVRLLKGFLKANGI
YGAEYKVRGFSGYLCELLIVFYGSFLETVKNARRWTRRTVIDVAKGEVRKGEEFFVVDPVDEKRNVAANLSLDNLARFVH
LCREFMEAPSLGFFKPKHPLEIEPERLRKIVEERGTAVFAVKFRKPDIVDDNLYPQLERASRKIFEFLERENFMPLRSAF
KASEEFCYLLFECQIKEISRVFRRMGPQFEDERNVKKFLSRNRAFRPFIENGRWWAFEMRKFTTPEEGVRSYASTHWHTL
GKNVGESIREYFEIISGEKLFKEPVTAELCEMMGVKD
;
A,B
#
# COMPACT_ATOMS: atom_id res chain seq x y z
N MET C 1 -5.29 -23.72 -40.39
CA MET C 1 -6.30 -24.10 -41.40
C MET C 1 -5.75 -23.91 -42.82
N LYS C 2 -4.49 -24.33 -43.00
CA LYS C 2 -3.71 -24.26 -44.27
C LYS C 2 -2.99 -22.92 -44.55
N VAL C 3 -3.45 -21.85 -43.90
CA VAL C 3 -2.87 -20.48 -43.96
C VAL C 3 -3.26 -19.64 -45.20
N GLU C 4 -2.90 -20.12 -46.39
CA GLU C 4 -3.12 -19.36 -47.62
C GLU C 4 -4.59 -19.30 -48.03
N GLU C 5 -5.31 -20.38 -47.75
CA GLU C 5 -6.74 -20.49 -48.03
C GLU C 5 -7.55 -19.42 -47.30
N ILE C 6 -7.34 -19.32 -45.99
CA ILE C 6 -8.02 -18.32 -45.16
C ILE C 6 -7.64 -16.88 -45.54
N LEU C 7 -6.45 -16.71 -46.14
CA LEU C 7 -6.00 -15.41 -46.64
C LEU C 7 -6.79 -14.95 -47.86
N GLU C 8 -7.24 -15.92 -48.65
CA GLU C 8 -7.98 -15.66 -49.88
C GLU C 8 -9.48 -15.56 -49.64
N LYS C 9 -10.00 -16.39 -48.74
CA LYS C 9 -11.41 -16.35 -48.33
C LYS C 9 -11.74 -15.09 -47.52
N ALA C 10 -10.71 -14.49 -46.93
CA ALA C 10 -10.86 -13.24 -46.19
C ALA C 10 -11.09 -12.06 -47.13
N LEU C 11 -10.56 -12.17 -48.34
CA LEU C 11 -10.59 -11.09 -49.31
C LEU C 11 -11.99 -10.74 -49.80
N GLU C 12 -12.90 -11.71 -49.81
CA GLU C 12 -14.29 -11.45 -50.21
C GLU C 12 -15.09 -10.68 -49.15
N LEU C 13 -14.49 -10.51 -47.97
CA LEU C 13 -15.05 -9.66 -46.91
C LEU C 13 -14.17 -8.41 -46.69
N VAL C 14 -13.12 -8.27 -47.50
CA VAL C 14 -12.17 -7.17 -47.39
C VAL C 14 -12.18 -6.27 -48.62
N ILE C 15 -11.98 -6.87 -49.80
CA ILE C 15 -12.05 -6.15 -51.07
C ILE C 15 -13.45 -5.58 -51.24
N PRO C 16 -13.54 -4.25 -51.53
CA PRO C 16 -14.81 -3.56 -51.77
C PRO C 16 -15.78 -4.32 -52.68
N ASP C 17 -15.63 -4.13 -53.99
CA ASP C 17 -16.44 -4.76 -55.06
C ASP C 17 -17.87 -5.24 -54.74
N GLU C 18 -18.52 -4.59 -53.77
CA GLU C 18 -19.96 -4.73 -53.57
C GLU C 18 -20.62 -3.82 -54.62
N GLU C 19 -19.87 -3.61 -55.69
CA GLU C 19 -20.18 -2.69 -56.77
C GLU C 19 -20.41 -1.26 -56.32
N GLU C 20 -19.64 -0.86 -55.30
CA GLU C 20 -19.48 0.54 -54.96
C GLU C 20 -18.23 1.08 -55.68
N VAL C 21 -17.37 0.15 -56.10
CA VAL C 21 -16.15 0.47 -56.86
C VAL C 21 -16.48 1.44 -57.99
N ARG C 22 -17.52 1.11 -58.76
CA ARG C 22 -17.97 1.95 -59.88
C ARG C 22 -18.61 3.26 -59.42
N LYS C 23 -19.24 3.25 -58.23
CA LYS C 23 -19.86 4.47 -57.69
C LYS C 23 -18.78 5.49 -57.40
N GLY C 24 -17.59 4.99 -57.05
CA GLY C 24 -16.40 5.81 -56.92
C GLY C 24 -16.11 6.50 -58.24
N ARG C 25 -15.82 5.70 -59.27
CA ARG C 25 -15.52 6.21 -60.60
C ARG C 25 -16.57 7.22 -61.07
N GLU C 26 -17.84 6.86 -60.88
CA GLU C 26 -18.97 7.69 -61.27
C GLU C 26 -18.88 9.06 -60.60
N ALA C 27 -18.76 9.05 -59.28
CA ALA C 27 -18.63 10.29 -58.52
C ALA C 27 -17.33 11.00 -58.89
N GLU C 28 -16.25 10.23 -59.04
CA GLU C 28 -14.94 10.75 -59.45
C GLU C 28 -15.06 11.49 -60.77
N GLU C 29 -15.57 10.81 -61.78
CA GLU C 29 -15.83 11.39 -63.08
C GLU C 29 -16.59 12.70 -62.92
N GLU C 30 -17.74 12.62 -62.23
CA GLU C 30 -18.59 13.78 -61.96
C GLU C 30 -17.83 14.88 -61.23
N LEU C 31 -17.01 14.47 -60.27
CA LEU C 31 -16.15 15.36 -59.53
C LEU C 31 -15.10 15.98 -60.46
N ARG C 32 -14.45 15.15 -61.27
CA ARG C 32 -13.45 15.61 -62.25
C ARG C 32 -14.06 16.63 -63.23
N ARG C 33 -15.31 16.43 -63.61
CA ARG C 33 -16.02 17.34 -64.52
C ARG C 33 -16.12 18.75 -63.96
N ARG C 34 -16.90 18.90 -62.91
CA ARG C 34 -17.17 20.21 -62.30
C ARG C 34 -15.89 20.92 -61.89
N LEU C 35 -14.88 20.15 -61.46
CA LEU C 35 -13.60 20.71 -61.01
C LEU C 35 -12.79 21.33 -62.14
N ASP C 36 -12.68 20.59 -63.25
CA ASP C 36 -11.98 21.08 -64.43
C ASP C 36 -12.76 22.22 -65.07
N GLU C 37 -14.01 22.36 -64.65
CA GLU C 37 -14.91 23.41 -65.10
C GLU C 37 -14.53 24.76 -64.49
N LEU C 38 -13.88 24.72 -63.32
CA LEU C 38 -13.47 25.95 -62.63
C LEU C 38 -11.96 26.17 -62.75
N GLY C 39 -11.29 25.29 -63.50
CA GLY C 39 -9.86 25.43 -63.80
C GLY C 39 -8.95 25.43 -62.59
N VAL C 40 -9.28 24.59 -61.62
CA VAL C 40 -8.54 24.53 -60.37
C VAL C 40 -7.51 23.41 -60.43
N GLU C 41 -6.39 23.64 -59.75
CA GLU C 41 -5.39 22.61 -59.55
C GLU C 41 -5.90 21.73 -58.41
N TYR C 42 -6.16 20.46 -58.72
CA TYR C 42 -6.76 19.53 -57.78
C TYR C 42 -6.09 18.16 -57.83
N VAL C 43 -6.09 17.46 -56.68
CA VAL C 43 -5.56 16.10 -56.60
C VAL C 43 -6.49 15.21 -55.80
N PHE C 44 -6.66 13.98 -56.28
CA PHE C 44 -7.33 12.93 -55.53
C PHE C 44 -6.29 12.17 -54.71
N VAL C 45 -6.53 12.09 -53.41
CA VAL C 45 -5.61 11.40 -52.49
C VAL C 45 -6.35 10.41 -51.58
N GLY C 46 -5.64 9.90 -50.58
CA GLY C 46 -6.23 9.02 -49.59
C GLY C 46 -6.57 7.64 -50.14
N SER C 47 -7.43 6.94 -49.41
CA SER C 47 -7.77 5.55 -49.70
C SER C 47 -8.23 5.30 -51.14
N TYR C 48 -9.10 6.17 -51.66
CA TYR C 48 -9.68 5.96 -52.97
C TYR C 48 -8.67 6.00 -54.12
N ALA C 49 -7.79 7.00 -54.09
CA ALA C 49 -6.85 7.26 -55.18
C ALA C 49 -5.89 6.10 -55.44
N ARG C 50 -5.63 5.30 -54.42
CA ARG C 50 -4.71 4.17 -54.51
C ARG C 50 -5.46 2.84 -54.62
N ASN C 51 -6.79 2.91 -54.63
CA ASN C 51 -7.65 1.73 -54.62
C ASN C 51 -7.33 0.82 -53.42
N THR C 52 -7.30 1.43 -52.24
CA THR C 52 -6.88 0.75 -51.01
C THR C 52 -7.92 0.79 -49.88
N TRP C 53 -9.06 1.43 -50.14
CA TRP C 53 -10.12 1.56 -49.14
C TRP C 53 -10.80 0.22 -48.83
N LEU C 54 -11.37 0.13 -47.63
CA LEU C 54 -12.01 -1.11 -47.20
C LEU C 54 -13.47 -1.19 -47.68
N LYS C 55 -14.00 -2.41 -47.73
CA LYS C 55 -15.39 -2.66 -48.13
C LYS C 55 -16.39 -1.94 -47.22
N GLY C 56 -17.10 -0.98 -47.79
CA GLY C 56 -18.05 -0.15 -47.03
C GLY C 56 -17.47 1.20 -46.64
N SER C 57 -16.14 1.26 -46.56
CA SER C 57 -15.40 2.47 -46.17
C SER C 57 -15.05 3.34 -47.37
N LEU C 58 -16.05 3.68 -48.17
CA LEU C 58 -15.84 4.49 -49.37
C LEU C 58 -15.79 5.98 -49.05
N GLU C 59 -14.71 6.63 -49.50
CA GLU C 59 -14.49 8.05 -49.26
C GLU C 59 -13.56 8.66 -50.30
N ILE C 60 -14.00 9.77 -50.91
CA ILE C 60 -13.17 10.51 -51.85
C ILE C 60 -12.51 11.68 -51.16
N ASP C 61 -11.19 11.71 -51.23
CA ASP C 61 -10.41 12.81 -50.68
C ASP C 61 -9.89 13.67 -51.81
N VAL C 62 -10.34 14.92 -51.84
CA VAL C 62 -9.91 15.86 -52.86
C VAL C 62 -9.18 17.03 -52.22
N PHE C 63 -7.91 17.15 -52.59
CA PHE C 63 -7.06 18.19 -52.05
C PHE C 63 -6.78 19.22 -53.13
N LEU C 64 -7.28 20.43 -52.92
CA LEU C 64 -7.17 21.50 -53.90
C LEU C 64 -5.87 22.26 -53.72
N LEU C 65 -4.90 21.96 -54.57
CA LEU C 65 -3.62 22.65 -54.55
C LEU C 65 -3.82 24.10 -55.01
N PHE C 66 -3.36 25.04 -54.20
CA PHE C 66 -3.49 26.45 -54.53
C PHE C 66 -2.14 27.14 -54.63
N PRO C 67 -2.01 28.11 -55.56
CA PRO C 67 -0.75 28.77 -55.90
C PRO C 67 0.13 29.10 -54.68
N GLU C 68 1.42 28.82 -54.81
CA GLU C 68 2.41 29.10 -53.76
C GLU C 68 2.68 30.62 -53.61
N GLU C 69 1.75 31.43 -54.13
CA GLU C 69 1.81 32.90 -54.02
C GLU C 69 0.47 33.55 -53.68
N PHE C 70 -0.23 32.99 -52.69
CA PHE C 70 -1.47 33.56 -52.16
C PHE C 70 -1.38 33.74 -50.63
N SER C 71 -2.52 33.73 -49.95
CA SER C 71 -2.53 33.78 -48.48
C SER C 71 -3.69 32.96 -47.89
N LYS C 72 -3.50 32.52 -46.64
CA LYS C 72 -4.45 31.67 -45.91
C LYS C 72 -5.93 31.92 -46.23
N GLU C 73 -6.33 33.19 -46.22
CA GLU C 73 -7.73 33.55 -46.42
C GLU C 73 -8.14 33.57 -47.89
N GLU C 74 -7.18 33.79 -48.78
CA GLU C 74 -7.46 33.84 -50.20
C GLU C 74 -7.73 32.44 -50.77
N LEU C 75 -7.13 31.43 -50.14
CA LEU C 75 -7.44 30.04 -50.45
C LEU C 75 -8.78 29.68 -49.82
N ARG C 76 -9.08 30.36 -48.73
CA ARG C 76 -10.28 30.12 -47.95
C ARG C 76 -11.53 30.27 -48.81
N GLU C 77 -11.73 31.49 -49.28
CA GLU C 77 -12.80 31.82 -50.21
C GLU C 77 -12.94 30.76 -51.29
N ARG C 78 -11.80 30.30 -51.81
CA ARG C 78 -11.75 29.35 -52.91
C ARG C 78 -12.33 27.98 -52.56
N GLY C 79 -11.80 27.37 -51.50
CA GLY C 79 -12.27 26.05 -51.05
C GLY C 79 -13.78 26.00 -50.96
N LEU C 80 -14.35 27.04 -50.36
CA LEU C 80 -15.79 27.20 -50.28
C LEU C 80 -16.39 27.24 -51.67
N GLU C 81 -16.07 28.29 -52.42
CA GLU C 81 -16.55 28.47 -53.80
C GLU C 81 -16.59 27.14 -54.54
N ILE C 82 -15.51 26.38 -54.41
CA ILE C 82 -15.40 25.10 -55.09
C ILE C 82 -16.27 24.04 -54.41
N GLY C 83 -15.96 23.71 -53.16
CA GLY C 83 -16.71 22.69 -52.42
C GLY C 83 -18.19 22.73 -52.69
N LYS C 84 -18.79 23.89 -52.41
CA LYS C 84 -20.22 24.11 -52.63
C LYS C 84 -20.67 23.61 -53.99
N ALA C 85 -20.06 24.15 -55.05
CA ALA C 85 -20.49 23.93 -56.43
C ALA C 85 -20.36 22.48 -56.90
N VAL C 86 -19.45 21.76 -56.27
CA VAL C 86 -19.14 20.40 -56.72
C VAL C 86 -19.79 19.35 -55.83
N LEU C 87 -20.05 19.70 -54.58
CA LEU C 87 -20.72 18.78 -53.65
C LEU C 87 -22.23 18.95 -53.73
N ASP C 88 -22.95 17.93 -53.25
CA ASP C 88 -24.42 17.95 -53.25
C ASP C 88 -25.02 18.42 -51.93
N SER C 89 -24.31 18.17 -50.82
CA SER C 89 -24.69 18.66 -49.49
C SER C 89 -23.43 18.86 -48.66
N TYR C 90 -23.34 19.99 -47.94
CA TYR C 90 -22.07 20.35 -47.31
C TYR C 90 -22.11 20.85 -45.85
N GLU C 91 -20.96 20.74 -45.20
CA GLU C 91 -20.67 21.33 -43.89
C GLU C 91 -19.27 21.94 -43.95
N ILE C 92 -18.93 22.80 -42.99
CA ILE C 92 -17.59 23.37 -42.95
C ILE C 92 -16.85 22.94 -41.69
N ARG C 93 -15.71 22.29 -41.90
CA ARG C 93 -14.89 21.81 -40.79
C ARG C 93 -13.50 22.44 -40.84
N TYR C 94 -13.15 23.08 -39.74
CA TYR C 94 -12.13 24.13 -39.68
C TYR C 94 -10.75 23.68 -39.23
N ALA C 95 -10.69 22.64 -38.41
CA ALA C 95 -9.41 21.99 -38.06
C ALA C 95 -8.32 22.98 -37.56
N GLU C 96 -7.29 23.23 -38.38
CA GLU C 96 -6.34 24.35 -38.17
C GLU C 96 -6.44 25.36 -39.31
N HIS C 97 -6.74 24.84 -40.51
CA HIS C 97 -7.22 25.64 -41.63
C HIS C 97 -8.39 24.88 -42.26
N PRO C 98 -9.55 25.54 -42.40
CA PRO C 98 -10.85 24.90 -42.72
C PRO C 98 -10.89 24.04 -43.97
N TYR C 99 -11.98 23.30 -44.10
CA TYR C 99 -12.17 22.41 -45.23
C TYR C 99 -13.66 22.09 -45.36
N VAL C 100 -14.04 21.60 -46.55
CA VAL C 100 -15.44 21.34 -46.86
C VAL C 100 -15.72 19.83 -46.95
N HIS C 101 -16.56 19.34 -46.04
CA HIS C 101 -17.02 17.95 -46.06
C HIS C 101 -18.43 17.85 -46.64
N GLY C 102 -18.64 16.90 -47.53
CA GLY C 102 -19.94 16.74 -48.16
C GLY C 102 -20.25 15.39 -48.73
N VAL C 103 -21.21 15.37 -49.65
CA VAL C 103 -21.76 14.15 -50.24
C VAL C 103 -21.88 14.29 -51.76
N VAL C 104 -21.36 13.30 -52.49
CA VAL C 104 -21.60 13.17 -53.94
C VAL C 104 -22.07 11.74 -54.24
N LYS C 105 -23.36 11.60 -54.54
CA LYS C 105 -24.02 10.32 -54.86
C LYS C 105 -23.94 9.28 -53.73
N GLY C 106 -24.14 9.74 -52.50
CA GLY C 106 -24.11 8.87 -51.32
C GLY C 106 -22.70 8.52 -50.84
N VAL C 107 -21.70 9.14 -51.46
CA VAL C 107 -20.30 8.89 -51.15
C VAL C 107 -19.74 10.08 -50.37
N GLU C 108 -19.21 9.82 -49.17
CA GLU C 108 -18.64 10.87 -48.34
C GLU C 108 -17.37 11.45 -48.98
N VAL C 109 -17.44 12.73 -49.34
CA VAL C 109 -16.35 13.39 -50.06
C VAL C 109 -15.71 14.50 -49.24
N ASP C 110 -14.39 14.60 -49.33
CA ASP C 110 -13.63 15.59 -48.58
C ASP C 110 -12.90 16.56 -49.50
N VAL C 111 -13.50 17.73 -49.71
CA VAL C 111 -12.93 18.77 -50.53
C VAL C 111 -12.03 19.64 -49.65
N VAL C 112 -10.74 19.66 -49.96
CA VAL C 112 -9.75 20.30 -49.09
C VAL C 112 -8.80 21.24 -49.84
N PRO C 113 -8.67 22.50 -49.36
CA PRO C 113 -7.71 23.44 -49.93
C PRO C 113 -6.29 23.16 -49.48
N CYS C 114 -5.39 23.11 -50.44
CA CYS C 114 -3.99 22.80 -50.20
C CYS C 114 -3.07 23.88 -50.77
N TYR C 115 -1.82 23.49 -50.96
CA TYR C 115 -0.83 24.27 -51.69
C TYR C 115 -0.18 23.39 -52.74
N LYS C 116 0.11 23.98 -53.91
CA LYS C 116 0.84 23.26 -54.96
C LYS C 116 2.32 23.10 -54.60
N LEU C 117 2.59 23.18 -53.29
CA LEU C 117 3.92 22.93 -52.73
C LEU C 117 4.47 21.63 -53.29
N LYS C 118 5.50 21.76 -54.13
CA LYS C 118 6.20 20.59 -54.64
C LYS C 118 7.54 20.49 -53.93
N GLU C 119 7.65 19.45 -53.09
CA GLU C 119 8.81 19.14 -52.23
C GLU C 119 8.67 19.68 -50.79
N PRO C 120 8.99 18.84 -49.78
CA PRO C 120 8.68 19.09 -48.37
C PRO C 120 9.63 20.08 -47.69
N LYS C 121 9.72 19.97 -46.35
CA LYS C 121 10.51 20.88 -45.49
C LYS C 121 9.97 22.33 -45.46
N ASN C 122 9.13 22.64 -46.45
CA ASN C 122 8.40 23.91 -46.52
C ASN C 122 6.94 23.72 -46.12
N ILE C 123 6.72 22.91 -45.09
CA ILE C 123 5.38 22.53 -44.64
C ILE C 123 4.96 23.33 -43.41
N LYS C 124 3.67 23.60 -43.29
CA LYS C 124 3.13 24.37 -42.17
C LYS C 124 2.29 23.52 -41.20
N SER C 125 1.53 22.56 -41.73
CA SER C 125 0.69 21.68 -40.91
C SER C 125 0.48 20.30 -41.52
N ALA C 126 -0.28 19.46 -40.82
CA ALA C 126 -0.50 18.05 -41.19
C ALA C 126 -1.21 17.83 -42.52
N VAL C 127 -2.03 18.81 -42.91
CA VAL C 127 -2.83 18.73 -44.12
C VAL C 127 -1.97 18.75 -45.40
N ASP C 128 -1.01 19.69 -45.46
CA ASP C 128 -0.13 19.87 -46.62
C ASP C 128 0.82 18.69 -46.86
N ARG C 129 0.86 17.78 -45.89
CA ARG C 129 1.76 16.63 -45.93
C ARG C 129 1.15 15.42 -46.66
N THR C 130 -0.18 15.29 -46.61
CA THR C 130 -0.89 14.17 -47.24
C THR C 130 -0.64 14.02 -48.77
N PRO C 131 -0.58 15.14 -49.53
CA PRO C 131 -0.19 15.02 -50.94
C PRO C 131 1.13 14.30 -51.13
N PHE C 132 2.15 14.69 -50.36
CA PHE C 132 3.45 14.03 -50.38
C PHE C 132 3.32 12.58 -49.93
N HIS C 133 2.52 12.35 -48.88
CA HIS C 133 2.23 11.00 -48.39
C HIS C 133 1.74 10.15 -49.56
N HIS C 134 0.73 10.66 -50.26
CA HIS C 134 0.21 9.99 -51.45
C HIS C 134 1.27 9.86 -52.52
N LYS C 135 2.02 10.94 -52.74
CA LYS C 135 3.06 10.99 -53.77
C LYS C 135 4.10 9.89 -53.60
N TRP C 136 4.62 9.76 -52.38
CA TRP C 136 5.66 8.79 -52.08
C TRP C 136 5.16 7.34 -52.16
N LEU C 137 3.93 7.10 -51.73
CA LEU C 137 3.32 5.76 -51.75
C LEU C 137 2.82 5.37 -53.14
N GLU C 138 2.41 6.37 -53.91
CA GLU C 138 1.98 6.16 -55.28
C GLU C 138 3.11 5.53 -56.08
N GLY C 139 2.80 4.46 -56.81
CA GLY C 139 3.77 3.79 -57.66
C GLY C 139 4.76 2.89 -56.94
N ARG C 140 4.92 3.11 -55.64
CA ARG C 140 5.78 2.25 -54.83
C ARG C 140 4.93 1.19 -54.13
N ILE C 141 3.61 1.36 -54.18
CA ILE C 141 2.67 0.42 -53.57
C ILE C 141 1.89 -0.40 -54.61
N LYS C 142 1.91 0.05 -55.86
CA LYS C 142 1.20 -0.61 -56.95
C LYS C 142 1.45 -2.12 -56.95
N GLY C 143 0.35 -2.89 -56.95
CA GLY C 143 0.40 -4.35 -56.92
C GLY C 143 0.22 -4.95 -55.54
N LYS C 144 0.70 -4.23 -54.52
CA LYS C 144 0.74 -4.74 -53.15
C LYS C 144 -0.45 -4.25 -52.31
N GLU C 145 -1.45 -3.69 -52.98
CA GLU C 145 -2.64 -3.12 -52.34
C GLU C 145 -3.48 -4.13 -51.56
N ASN C 146 -3.56 -5.35 -52.07
CA ASN C 146 -4.29 -6.42 -51.40
C ASN C 146 -3.69 -6.75 -50.03
N GLU C 147 -2.37 -6.77 -49.98
CA GLU C 147 -1.63 -7.09 -48.77
C GLU C 147 -1.88 -6.06 -47.68
N VAL C 148 -2.01 -4.80 -48.09
CA VAL C 148 -2.38 -3.71 -47.20
C VAL C 148 -3.75 -4.00 -46.60
N ARG C 149 -4.70 -4.33 -47.47
CA ARG C 149 -6.07 -4.61 -47.08
C ARG C 149 -6.18 -5.73 -46.05
N LEU C 150 -5.30 -6.71 -46.18
CA LEU C 150 -5.20 -7.80 -45.19
C LEU C 150 -4.81 -7.25 -43.83
N LEU C 151 -3.78 -6.40 -43.81
CA LEU C 151 -3.31 -5.77 -42.58
C LEU C 151 -4.44 -5.00 -41.91
N LYS C 152 -5.04 -4.07 -42.65
CA LYS C 152 -6.19 -3.32 -42.18
C LYS C 152 -7.22 -4.28 -41.57
N GLY C 153 -7.66 -5.23 -42.38
CA GLY C 153 -8.66 -6.22 -41.96
C GLY C 153 -8.30 -6.91 -40.66
N PHE C 154 -7.05 -7.37 -40.59
CA PHE C 154 -6.51 -8.00 -39.39
C PHE C 154 -6.69 -7.09 -38.18
N LEU C 155 -6.33 -5.82 -38.34
CA LEU C 155 -6.39 -4.85 -37.26
C LEU C 155 -7.82 -4.47 -36.88
N LYS C 156 -8.69 -4.38 -37.87
CA LYS C 156 -10.08 -3.98 -37.67
C LYS C 156 -10.86 -5.09 -36.96
N ALA C 157 -10.55 -6.34 -37.31
CA ALA C 157 -11.20 -7.50 -36.71
C ALA C 157 -10.99 -7.56 -35.21
N ASN C 158 -9.86 -7.05 -34.75
CA ASN C 158 -9.52 -7.03 -33.34
C ASN C 158 -9.52 -5.62 -32.76
N GLY C 159 -10.04 -4.68 -33.54
CA GLY C 159 -10.33 -3.32 -33.08
C GLY C 159 -9.13 -2.47 -32.73
N ILE C 160 -8.09 -2.53 -33.56
CA ILE C 160 -6.91 -1.69 -33.38
C ILE C 160 -6.51 -0.95 -34.66
N TYR C 161 -7.45 -0.85 -35.59
CA TYR C 161 -7.27 -0.03 -36.77
C TYR C 161 -7.91 1.34 -36.56
N GLY C 162 -7.17 2.38 -36.90
CA GLY C 162 -7.66 3.75 -36.77
C GLY C 162 -6.67 4.65 -36.04
N ALA C 163 -6.63 5.92 -36.43
CA ALA C 163 -5.75 6.92 -35.81
C ALA C 163 -6.48 7.78 -34.79
N GLU C 164 -7.82 7.73 -34.83
CA GLU C 164 -8.67 8.45 -33.90
C GLU C 164 -8.49 7.92 -32.48
N TYR C 165 -8.73 8.78 -31.50
CA TYR C 165 -8.43 8.46 -30.10
C TYR C 165 -9.28 7.32 -29.52
N LYS C 166 -10.49 7.13 -30.04
CA LYS C 166 -11.36 6.04 -29.59
C LYS C 166 -10.68 4.68 -29.75
N VAL C 167 -9.76 4.62 -30.70
CA VAL C 167 -9.01 3.39 -30.97
C VAL C 167 -7.55 3.52 -30.49
N ARG C 168 -6.87 4.59 -30.90
CA ARG C 168 -5.42 4.79 -30.70
C ARG C 168 -4.58 3.65 -31.30
N GLY C 169 -5.02 3.11 -32.43
CA GLY C 169 -4.37 1.98 -33.07
C GLY C 169 -3.50 2.36 -34.23
N PHE C 170 -3.68 1.65 -35.35
CA PHE C 170 -2.88 1.84 -36.55
C PHE C 170 -3.58 2.76 -37.54
N SER C 171 -2.87 3.78 -38.00
CA SER C 171 -3.37 4.64 -39.07
C SER C 171 -3.18 3.95 -40.41
N GLY C 172 -4.09 4.18 -41.34
CA GLY C 172 -4.04 3.57 -42.67
C GLY C 172 -2.72 3.80 -43.37
N TYR C 173 -2.26 5.05 -43.35
CA TYR C 173 -0.99 5.45 -43.95
C TYR C 173 0.17 4.63 -43.37
N LEU C 174 0.11 4.38 -42.07
CA LEU C 174 1.10 3.54 -41.39
C LEU C 174 1.10 2.14 -41.97
N CYS C 175 -0.09 1.53 -42.06
CA CYS C 175 -0.26 0.20 -42.60
C CYS C 175 0.38 0.08 -43.97
N GLU C 176 0.12 1.07 -44.82
CA GLU C 176 0.68 1.12 -46.16
C GLU C 176 2.20 1.17 -46.10
N LEU C 177 2.74 2.08 -45.28
CA LEU C 177 4.17 2.18 -45.08
C LEU C 177 4.79 0.84 -44.67
N LEU C 178 4.05 0.09 -43.87
CA LEU C 178 4.51 -1.20 -43.37
C LEU C 178 4.60 -2.26 -44.47
N ILE C 179 3.50 -2.44 -45.19
CA ILE C 179 3.45 -3.40 -46.29
C ILE C 179 4.58 -3.13 -47.27
N VAL C 180 4.84 -1.85 -47.51
CA VAL C 180 5.95 -1.43 -48.36
C VAL C 180 7.30 -1.90 -47.82
N PHE C 181 7.48 -1.74 -46.51
CA PHE C 181 8.77 -2.02 -45.87
C PHE C 181 9.12 -3.51 -45.85
N TYR C 182 8.15 -4.37 -45.51
CA TYR C 182 8.41 -5.80 -45.37
C TYR C 182 8.16 -6.59 -46.65
N GLY C 183 7.15 -6.19 -47.43
CA GLY C 183 6.85 -6.84 -48.69
C GLY C 183 5.42 -7.32 -48.80
N SER C 184 4.87 -7.79 -47.67
CA SER C 184 3.50 -8.31 -47.62
C SER C 184 3.01 -8.47 -46.18
N PHE C 185 1.69 -8.56 -46.03
CA PHE C 185 1.10 -9.00 -44.78
C PHE C 185 1.55 -10.43 -44.59
N LEU C 186 2.22 -10.67 -43.47
CA LEU C 186 2.87 -11.94 -43.17
C LEU C 186 4.33 -11.63 -42.86
N GLU C 187 5.07 -11.16 -43.86
CA GLU C 187 6.44 -10.71 -43.66
C GLU C 187 6.42 -9.54 -42.69
N THR C 188 5.27 -8.87 -42.63
CA THR C 188 5.02 -7.87 -41.62
C THR C 188 4.71 -8.57 -40.29
N VAL C 189 3.83 -9.57 -40.34
CA VAL C 189 3.40 -10.33 -39.17
C VAL C 189 4.57 -11.06 -38.49
N LYS C 190 5.42 -11.70 -39.31
CA LYS C 190 6.62 -12.40 -38.83
C LYS C 190 7.53 -11.48 -38.02
N ASN C 191 7.86 -10.33 -38.60
CA ASN C 191 8.81 -9.38 -38.00
C ASN C 191 8.23 -8.61 -36.81
N ALA C 192 6.92 -8.40 -36.83
CA ALA C 192 6.22 -7.73 -35.74
C ALA C 192 6.31 -8.52 -34.44
N ARG C 193 6.48 -9.84 -34.56
CA ARG C 193 6.71 -10.71 -33.40
C ARG C 193 7.97 -10.32 -32.64
N ARG C 194 8.88 -9.60 -33.31
CA ARG C 194 10.14 -9.20 -32.70
C ARG C 194 10.25 -7.68 -32.46
N TRP C 195 9.10 -7.01 -32.41
CA TRP C 195 9.08 -5.59 -32.09
C TRP C 195 9.17 -5.36 -30.57
N THR C 196 9.78 -4.25 -30.19
CA THR C 196 9.90 -3.86 -28.79
C THR C 196 9.34 -2.44 -28.61
N ARG C 197 9.17 -2.02 -27.36
CA ARG C 197 8.69 -0.67 -27.06
C ARG C 197 9.69 0.42 -27.46
N ARG C 198 10.81 -0.01 -28.04
CA ARG C 198 11.87 0.89 -28.48
C ARG C 198 12.33 0.62 -29.94
N THR C 199 11.60 -0.24 -30.64
CA THR C 199 11.89 -0.58 -32.03
C THR C 199 11.53 0.58 -32.98
N VAL C 200 12.50 0.98 -33.81
CA VAL C 200 12.33 2.11 -34.74
C VAL C 200 12.38 1.64 -36.19
N ILE C 201 11.35 1.97 -36.97
CA ILE C 201 11.30 1.60 -38.39
C ILE C 201 11.41 2.82 -39.30
N ASP C 202 12.63 3.06 -39.78
CA ASP C 202 12.91 4.09 -40.78
C ASP C 202 12.71 3.47 -42.15
N VAL C 203 11.58 3.79 -42.79
CA VAL C 203 11.25 3.25 -44.10
C VAL C 203 12.16 3.84 -45.19
N ALA C 204 12.55 5.09 -44.98
CA ALA C 204 13.38 5.85 -45.92
C ALA C 204 14.73 5.20 -46.23
N LYS C 205 15.40 4.71 -45.18
CA LYS C 205 16.71 4.07 -45.33
C LYS C 205 16.59 2.54 -45.49
N GLY C 206 15.40 1.99 -45.22
CA GLY C 206 15.17 0.54 -45.23
C GLY C 206 15.87 -0.17 -44.07
N GLU C 207 15.84 0.46 -42.91
CA GLU C 207 16.65 0.07 -41.74
C GLU C 207 15.83 -0.09 -40.45
N VAL C 208 16.25 -1.02 -39.59
CA VAL C 208 15.63 -1.24 -38.27
C VAL C 208 16.66 -1.04 -37.17
N ARG C 209 16.31 -0.24 -36.16
CA ARG C 209 17.21 0.04 -35.05
C ARG C 209 16.44 0.23 -33.73
N LYS C 210 17.19 0.49 -32.65
CA LYS C 210 16.61 0.79 -31.34
C LYS C 210 16.77 2.28 -31.02
N GLY C 211 15.72 2.88 -30.46
CA GLY C 211 15.70 4.31 -30.13
C GLY C 211 15.31 4.59 -28.70
N GLU C 212 14.18 5.29 -28.53
CA GLU C 212 13.66 5.65 -27.20
C GLU C 212 12.21 5.21 -27.00
N GLU C 213 11.38 5.49 -28.00
CA GLU C 213 9.98 5.05 -28.04
C GLU C 213 9.80 4.24 -29.31
N PHE C 214 8.64 3.60 -29.46
CA PHE C 214 8.29 2.97 -30.72
C PHE C 214 8.06 4.06 -31.75
N PHE C 215 8.86 4.05 -32.81
CA PHE C 215 8.89 5.12 -33.78
C PHE C 215 8.92 4.58 -35.21
N VAL C 216 7.93 4.97 -36.00
CA VAL C 216 7.96 4.68 -37.43
C VAL C 216 8.22 5.99 -38.16
N VAL C 217 9.36 6.04 -38.83
CA VAL C 217 9.85 7.26 -39.47
C VAL C 217 9.15 7.52 -40.79
N ASP C 218 8.53 8.69 -40.88
CA ASP C 218 7.93 9.16 -42.12
C ASP C 218 9.03 9.42 -43.14
N PRO C 219 8.98 8.71 -44.28
CA PRO C 219 9.96 8.88 -45.34
C PRO C 219 9.97 10.29 -45.91
N VAL C 220 8.91 11.05 -45.66
CA VAL C 220 8.77 12.41 -46.18
C VAL C 220 9.43 13.43 -45.24
N ASP C 221 9.09 13.32 -43.95
CA ASP C 221 9.69 14.15 -42.94
C ASP C 221 10.18 13.24 -41.83
N GLU C 222 11.49 13.12 -41.69
CA GLU C 222 12.08 12.18 -40.74
C GLU C 222 11.97 12.64 -39.26
N LYS C 223 11.21 13.70 -39.03
CA LYS C 223 10.96 14.21 -37.68
C LYS C 223 9.56 13.79 -37.21
N ARG C 224 8.90 13.01 -38.05
CA ARG C 224 7.50 12.65 -37.88
C ARG C 224 7.36 11.20 -37.44
N ASN C 225 6.63 10.97 -36.36
CA ASN C 225 6.27 9.60 -35.98
C ASN C 225 4.87 9.28 -36.50
N VAL C 226 4.82 8.36 -37.45
CA VAL C 226 3.57 7.93 -38.07
C VAL C 226 2.74 7.13 -37.06
N ALA C 227 3.44 6.38 -36.21
CA ALA C 227 2.81 5.54 -35.19
C ALA C 227 2.66 6.27 -33.86
N ALA C 228 2.60 7.60 -33.92
CA ALA C 228 2.47 8.42 -32.71
C ALA C 228 1.20 8.09 -31.92
N ASN C 229 0.11 7.86 -32.64
CA ASN C 229 -1.18 7.56 -32.00
C ASN C 229 -1.30 6.16 -31.47
N LEU C 230 -0.42 5.28 -31.95
CA LEU C 230 -0.40 3.93 -31.46
C LEU C 230 0.01 3.92 -30.00
N SER C 231 -0.95 3.56 -29.15
CA SER C 231 -0.72 3.46 -27.72
C SER C 231 0.22 2.30 -27.42
N LEU C 232 0.92 2.41 -26.30
CA LEU C 232 1.76 1.33 -25.81
C LEU C 232 1.01 0.00 -25.84
N ASP C 233 -0.11 -0.04 -25.14
CA ASP C 233 -0.87 -1.27 -24.94
C ASP C 233 -1.35 -1.92 -26.25
N ASN C 234 -1.86 -1.11 -27.18
CA ASN C 234 -2.33 -1.62 -28.46
C ASN C 234 -1.22 -2.27 -29.27
N LEU C 235 -0.07 -1.60 -29.33
CA LEU C 235 1.10 -2.12 -30.02
C LEU C 235 1.40 -3.53 -29.55
N ALA C 236 1.49 -3.69 -28.24
CA ALA C 236 1.74 -4.98 -27.62
C ALA C 236 0.68 -6.00 -28.05
N ARG C 237 -0.59 -5.60 -27.99
CA ARG C 237 -1.70 -6.46 -28.43
C ARG C 237 -1.42 -6.99 -29.83
N PHE C 238 -1.06 -6.06 -30.73
CA PHE C 238 -0.74 -6.42 -32.10
C PHE C 238 0.38 -7.45 -32.16
N VAL C 239 1.49 -7.14 -31.51
CA VAL C 239 2.64 -8.02 -31.45
C VAL C 239 2.25 -9.43 -30.98
N HIS C 240 1.46 -9.48 -29.90
CA HIS C 240 1.01 -10.75 -29.33
C HIS C 240 0.08 -11.51 -30.29
N LEU C 241 -0.74 -10.76 -31.03
CA LEU C 241 -1.63 -11.35 -32.01
C LEU C 241 -0.87 -11.87 -33.23
N CYS C 242 0.30 -11.29 -33.49
CA CYS C 242 1.20 -11.75 -34.55
C CYS C 242 1.89 -13.05 -34.15
N ARG C 243 2.26 -13.15 -32.87
CA ARG C 243 2.84 -14.38 -32.31
C ARG C 243 1.80 -15.49 -32.24
N GLU C 244 0.56 -15.13 -31.90
CA GLU C 244 -0.55 -16.08 -31.82
C GLU C 244 -1.02 -16.55 -33.18
N PHE C 245 -0.87 -15.69 -34.19
CA PHE C 245 -1.29 -16.01 -35.55
C PHE C 245 -0.36 -17.03 -36.22
N MET C 246 0.95 -16.79 -36.12
CA MET C 246 1.94 -17.64 -36.77
C MET C 246 1.96 -19.08 -36.23
N GLU C 247 1.72 -19.22 -34.93
CA GLU C 247 1.76 -20.52 -34.27
C GLU C 247 0.55 -21.41 -34.62
N ALA C 248 -0.63 -20.80 -34.64
CA ALA C 248 -1.86 -21.50 -35.04
C ALA C 248 -2.78 -20.59 -35.86
N PRO C 249 -2.50 -20.45 -37.17
CA PRO C 249 -3.27 -19.56 -38.05
C PRO C 249 -4.71 -20.02 -38.23
N SER C 250 -5.63 -19.05 -38.21
CA SER C 250 -7.05 -19.32 -38.39
C SER C 250 -7.74 -18.08 -38.93
N LEU C 251 -8.92 -18.27 -39.52
CA LEU C 251 -9.68 -17.17 -40.11
C LEU C 251 -10.32 -16.25 -39.07
N GLY C 252 -10.51 -16.77 -37.86
CA GLY C 252 -11.10 -16.01 -36.75
C GLY C 252 -10.30 -14.78 -36.33
N PHE C 253 -9.12 -14.62 -36.93
CA PHE C 253 -8.29 -13.44 -36.74
C PHE C 253 -8.69 -12.32 -37.69
N PHE C 254 -9.63 -12.62 -38.58
CA PHE C 254 -10.09 -11.67 -39.60
C PHE C 254 -11.58 -11.35 -39.50
N LYS C 255 -12.33 -12.25 -38.87
CA LYS C 255 -13.73 -11.97 -38.53
C LYS C 255 -13.78 -11.04 -37.32
N PRO C 256 -14.56 -9.95 -37.43
CA PRO C 256 -14.82 -9.15 -36.23
C PRO C 256 -15.67 -9.93 -35.23
N LYS C 257 -15.12 -10.15 -34.03
CA LYS C 257 -15.79 -10.94 -33.00
C LYS C 257 -16.94 -10.13 -32.38
N HIS C 258 -18.03 -10.83 -32.07
CA HIS C 258 -19.29 -10.19 -31.70
C HIS C 258 -19.61 -10.27 -30.20
N PRO C 259 -20.51 -9.38 -29.71
CA PRO C 259 -20.99 -9.36 -28.31
C PRO C 259 -21.22 -10.74 -27.68
N LEU C 260 -20.84 -10.87 -26.41
CA LEU C 260 -21.03 -12.10 -25.62
C LEU C 260 -22.48 -12.21 -25.15
N GLU C 261 -23.20 -11.10 -25.28
CA GLU C 261 -24.62 -10.91 -24.86
C GLU C 261 -25.14 -11.80 -23.72
N ILE C 262 -25.01 -11.27 -22.52
CA ILE C 262 -25.30 -12.00 -21.29
C ILE C 262 -26.63 -11.55 -20.70
N GLU C 263 -27.19 -12.39 -19.83
CA GLU C 263 -28.34 -12.04 -19.02
C GLU C 263 -27.86 -11.41 -17.71
N PRO C 264 -28.72 -10.62 -17.04
CA PRO C 264 -28.40 -10.18 -15.68
C PRO C 264 -28.11 -11.34 -14.74
N GLU C 265 -28.73 -12.49 -15.01
CA GLU C 265 -28.60 -13.70 -14.19
C GLU C 265 -27.18 -14.27 -14.16
N ARG C 266 -26.52 -14.35 -15.32
CA ARG C 266 -25.15 -14.87 -15.39
C ARG C 266 -24.11 -13.85 -14.93
N LEU C 267 -24.42 -12.57 -15.08
CA LEU C 267 -23.52 -11.50 -14.67
C LEU C 267 -23.49 -11.33 -13.16
N ARG C 268 -24.68 -11.32 -12.53
CA ARG C 268 -24.81 -11.24 -11.08
C ARG C 268 -24.04 -12.37 -10.39
N LYS C 269 -24.16 -13.57 -10.95
CA LYS C 269 -23.46 -14.75 -10.45
C LYS C 269 -21.95 -14.56 -10.46
N ILE C 270 -21.43 -14.08 -11.60
CA ILE C 270 -20.00 -13.79 -11.73
C ILE C 270 -19.56 -12.81 -10.65
N VAL C 271 -20.28 -11.71 -10.52
CA VAL C 271 -20.04 -10.70 -9.48
C VAL C 271 -20.02 -11.36 -8.10
N GLU C 272 -21.10 -12.08 -7.78
CA GLU C 272 -21.24 -12.79 -6.52
C GLU C 272 -20.04 -13.72 -6.28
N GLU C 273 -19.73 -14.53 -7.28
CA GLU C 273 -18.62 -15.46 -7.21
C GLU C 273 -17.29 -14.72 -7.08
N ARG C 274 -17.17 -13.60 -7.81
CA ARG C 274 -16.00 -12.73 -7.70
C ARG C 274 -15.91 -12.08 -6.32
N GLY C 275 -17.07 -11.85 -5.72
CA GLY C 275 -17.17 -11.21 -4.40
C GLY C 275 -16.69 -9.77 -4.41
N THR C 276 -16.80 -9.13 -5.57
CA THR C 276 -16.29 -7.79 -5.78
C THR C 276 -17.41 -6.75 -5.78
N ALA C 277 -17.05 -5.51 -5.47
CA ALA C 277 -17.97 -4.40 -5.58
C ALA C 277 -17.87 -3.83 -6.99
N VAL C 278 -18.96 -3.93 -7.74
CA VAL C 278 -19.00 -3.42 -9.09
C VAL C 278 -20.02 -2.29 -9.18
N PHE C 279 -19.57 -1.16 -9.71
CA PHE C 279 -20.41 0.03 -9.81
C PHE C 279 -19.95 0.93 -10.94
N ALA C 280 -20.81 1.86 -11.33
CA ALA C 280 -20.51 2.79 -12.42
C ALA C 280 -21.02 4.19 -12.16
N VAL C 281 -20.35 5.17 -12.76
CA VAL C 281 -20.78 6.56 -12.70
C VAL C 281 -21.48 6.93 -14.00
N LYS C 282 -22.78 7.18 -13.89
CA LYS C 282 -23.60 7.55 -15.04
C LYS C 282 -23.80 9.05 -15.07
N PHE C 283 -23.74 9.62 -16.27
CA PHE C 283 -23.97 11.05 -16.49
C PHE C 283 -24.17 11.31 -17.98
N ARG C 284 -24.92 12.37 -18.30
CA ARG C 284 -25.27 12.70 -19.69
C ARG C 284 -24.03 13.03 -20.52
N LYS C 285 -24.07 12.65 -21.79
CA LYS C 285 -22.96 12.88 -22.71
C LYS C 285 -22.91 14.34 -23.15
N PRO C 286 -21.78 15.02 -22.89
CA PRO C 286 -21.56 16.36 -23.44
C PRO C 286 -21.37 16.26 -24.95
N ASP C 287 -22.10 17.09 -25.69
CA ASP C 287 -22.07 17.02 -27.16
C ASP C 287 -20.80 17.66 -27.72
N ILE C 288 -19.76 16.83 -27.86
CA ILE C 288 -18.47 17.23 -28.44
C ILE C 288 -17.93 16.08 -29.28
N VAL C 289 -16.83 16.32 -30.00
CA VAL C 289 -16.24 15.32 -30.89
C VAL C 289 -15.66 14.12 -30.13
N ASP C 290 -15.54 12.98 -30.82
CA ASP C 290 -15.00 11.76 -30.24
C ASP C 290 -13.57 11.91 -29.73
N ASP C 291 -12.76 12.63 -30.51
CA ASP C 291 -11.34 12.79 -30.20
C ASP C 291 -11.09 13.80 -29.07
N ASN C 292 -12.16 14.20 -28.39
CA ASN C 292 -12.08 15.06 -27.22
C ASN C 292 -12.65 14.33 -26.00
N LEU C 293 -13.74 13.61 -26.21
CA LEU C 293 -14.49 12.95 -25.15
C LEU C 293 -13.72 11.82 -24.47
N TYR C 294 -13.26 10.87 -25.28
CA TYR C 294 -12.56 9.70 -24.75
C TYR C 294 -11.31 10.04 -23.93
N PRO C 295 -10.47 11.00 -24.40
CA PRO C 295 -9.35 11.45 -23.57
C PRO C 295 -9.80 11.92 -22.20
N GLN C 296 -10.87 12.71 -22.17
CA GLN C 296 -11.45 13.18 -20.92
C GLN C 296 -11.97 12.00 -20.09
N LEU C 297 -12.78 11.13 -20.71
CA LEU C 297 -13.30 9.94 -20.04
C LEU C 297 -12.18 9.14 -19.38
N GLU C 298 -11.09 8.98 -20.11
CA GLU C 298 -9.91 8.27 -19.64
C GLU C 298 -9.33 8.96 -18.41
N ARG C 299 -9.05 10.24 -18.55
CA ARG C 299 -8.58 11.05 -17.44
C ARG C 299 -9.52 10.88 -16.25
N ALA C 300 -10.82 11.03 -16.50
CA ALA C 300 -11.85 10.92 -15.46
C ALA C 300 -11.80 9.57 -14.75
N SER C 301 -11.78 8.50 -15.53
CA SER C 301 -11.68 7.15 -15.00
C SER C 301 -10.46 7.04 -14.08
N ARG C 302 -9.31 7.46 -14.60
CA ARG C 302 -8.03 7.36 -13.91
C ARG C 302 -8.06 7.98 -12.52
N LYS C 303 -8.53 9.22 -12.43
CA LYS C 303 -8.53 9.94 -11.16
C LYS C 303 -9.34 9.19 -10.11
N ILE C 304 -10.53 8.75 -10.50
CA ILE C 304 -11.38 7.97 -9.62
C ILE C 304 -10.65 6.70 -9.20
N PHE C 305 -10.01 6.06 -10.18
CA PHE C 305 -9.18 4.89 -9.90
C PHE C 305 -8.15 5.25 -8.83
N GLU C 306 -7.40 6.32 -9.08
CA GLU C 306 -6.35 6.78 -8.17
C GLU C 306 -6.90 7.11 -6.79
N PHE C 307 -8.11 7.65 -6.76
CA PHE C 307 -8.79 8.00 -5.53
C PHE C 307 -9.06 6.76 -4.68
N LEU C 308 -9.72 5.77 -5.26
CA LEU C 308 -10.08 4.54 -4.57
C LEU C 308 -8.84 3.80 -4.08
N GLU C 309 -7.71 4.07 -4.74
CA GLU C 309 -6.41 3.56 -4.30
C GLU C 309 -6.00 4.24 -3.00
N ARG C 310 -6.09 5.57 -3.00
CA ARG C 310 -5.75 6.36 -1.82
C ARG C 310 -6.60 5.93 -0.64
N GLU C 311 -7.90 5.79 -0.86
CA GLU C 311 -8.83 5.40 0.19
C GLU C 311 -8.97 3.88 0.31
N ASN C 312 -8.13 3.17 -0.44
CA ASN C 312 -7.80 1.76 -0.18
C ASN C 312 -8.90 0.72 -0.41
N PHE C 313 -9.88 1.05 -1.24
CA PHE C 313 -10.88 0.06 -1.64
C PHE C 313 -10.27 -0.91 -2.63
N MET C 314 -9.03 -0.62 -3.02
CA MET C 314 -8.23 -1.43 -3.92
C MET C 314 -9.00 -1.86 -5.16
N PRO C 315 -9.05 -0.96 -6.14
CA PRO C 315 -9.71 -1.24 -7.40
C PRO C 315 -8.90 -2.23 -8.20
N LEU C 316 -9.59 -2.97 -9.05
CA LEU C 316 -8.93 -3.89 -9.96
C LEU C 316 -8.69 -3.16 -11.26
N ARG C 317 -9.76 -2.98 -12.04
CA ARG C 317 -9.66 -2.31 -13.33
C ARG C 317 -10.69 -1.20 -13.42
N SER C 318 -10.66 -0.47 -14.53
CA SER C 318 -11.58 0.60 -14.82
C SER C 318 -11.97 0.58 -16.29
N ALA C 319 -13.22 0.88 -16.60
CA ALA C 319 -13.70 0.90 -17.97
C ALA C 319 -14.70 2.03 -18.22
N PHE C 320 -14.86 2.40 -19.48
CA PHE C 320 -15.74 3.50 -19.89
C PHE C 320 -16.52 3.20 -21.17
N LYS C 321 -17.76 3.68 -21.22
CA LYS C 321 -18.61 3.54 -22.38
C LYS C 321 -19.38 4.84 -22.60
N ALA C 322 -19.51 5.23 -23.85
CA ALA C 322 -20.27 6.42 -24.23
C ALA C 322 -21.38 6.08 -25.23
N SER C 323 -22.61 6.07 -24.74
CA SER C 323 -23.78 5.86 -25.59
C SER C 323 -24.10 7.13 -26.38
N GLU C 324 -25.27 7.17 -27.00
CA GLU C 324 -25.70 8.40 -27.66
C GLU C 324 -26.34 9.37 -26.67
N GLU C 325 -26.45 8.93 -25.41
CA GLU C 325 -27.13 9.73 -24.39
C GLU C 325 -26.26 9.96 -23.15
N PHE C 326 -25.74 8.89 -22.57
CA PHE C 326 -24.99 8.96 -21.31
C PHE C 326 -23.55 8.48 -21.45
N CYS C 327 -22.78 8.68 -20.38
CA CYS C 327 -21.44 8.15 -20.28
C CYS C 327 -21.29 7.36 -18.98
N TYR C 328 -20.54 6.28 -19.05
CA TYR C 328 -20.44 5.35 -17.94
C TYR C 328 -19.00 5.13 -17.52
N LEU C 329 -18.73 5.27 -16.23
CA LEU C 329 -17.41 5.02 -15.68
C LEU C 329 -17.49 3.82 -14.76
N LEU C 330 -17.01 2.68 -15.24
CA LEU C 330 -17.18 1.41 -14.57
C LEU C 330 -16.00 1.07 -13.68
N PHE C 331 -16.30 0.53 -12.50
CA PHE C 331 -15.27 0.21 -11.51
C PHE C 331 -15.54 -1.08 -10.74
N GLU C 332 -14.49 -1.87 -10.56
CA GLU C 332 -14.53 -3.08 -9.76
C GLU C 332 -13.46 -3.03 -8.69
N CYS C 333 -13.89 -3.09 -7.44
CA CYS C 333 -12.98 -3.00 -6.30
C CYS C 333 -12.94 -4.29 -5.51
N GLN C 334 -11.87 -4.43 -4.73
CA GLN C 334 -11.68 -5.60 -3.88
C GLN C 334 -12.36 -5.44 -2.52
N ILE C 335 -12.71 -4.20 -2.18
CA ILE C 335 -13.34 -3.89 -0.90
C ILE C 335 -14.76 -3.38 -1.06
N LYS C 336 -15.72 -4.16 -0.57
CA LYS C 336 -17.12 -3.75 -0.54
C LYS C 336 -17.36 -2.81 0.64
N GLU C 337 -16.83 -3.16 1.80
CA GLU C 337 -17.02 -2.37 3.01
C GLU C 337 -15.71 -2.18 3.74
N ILE C 338 -15.42 -0.93 4.09
CA ILE C 338 -14.27 -0.59 4.91
C ILE C 338 -14.75 -0.14 6.29
N SER C 339 -13.88 -0.27 7.28
CA SER C 339 -14.19 0.16 8.64
C SER C 339 -14.37 1.67 8.68
N ARG C 340 -15.15 2.14 9.64
CA ARG C 340 -15.37 3.57 9.80
C ARG C 340 -14.16 4.23 10.45
N VAL C 341 -13.35 3.43 11.15
CA VAL C 341 -12.17 3.93 11.84
C VAL C 341 -10.93 3.80 10.97
N PHE C 342 -10.01 4.74 11.11
CA PHE C 342 -8.72 4.69 10.42
C PHE C 342 -7.58 5.36 11.19
N ARG C 343 -6.36 5.07 10.77
CA ARG C 343 -5.16 5.67 11.33
C ARG C 343 -4.98 7.09 10.81
N ARG C 344 -4.89 8.05 11.73
CA ARG C 344 -4.54 9.41 11.35
C ARG C 344 -3.10 9.69 11.79
N MET C 345 -2.26 10.00 10.81
CA MET C 345 -0.83 10.22 11.03
C MET C 345 -0.57 11.49 11.84
N GLY C 346 0.10 11.33 12.99
CA GLY C 346 0.38 12.45 13.90
C GLY C 346 1.86 12.77 14.04
N PRO C 347 2.20 13.81 14.83
CA PRO C 347 3.58 14.29 14.90
C PRO C 347 4.51 13.38 15.69
N GLN C 348 5.81 13.54 15.45
CA GLN C 348 6.86 12.89 16.25
C GLN C 348 6.78 13.45 17.68
N PHE C 349 7.14 12.64 18.67
CA PHE C 349 6.91 12.98 20.08
C PHE C 349 7.65 14.23 20.60
N GLU C 350 8.74 14.61 19.94
CA GLU C 350 9.56 15.75 20.37
C GLU C 350 8.93 17.13 20.13
N ASP C 351 8.31 17.31 18.97
CA ASP C 351 7.74 18.59 18.56
C ASP C 351 6.53 18.98 19.42
N GLU C 352 6.80 19.29 20.69
CA GLU C 352 5.78 19.59 21.69
C GLU C 352 4.69 20.51 21.15
N ARG C 353 5.12 21.56 20.45
CA ARG C 353 4.22 22.49 19.76
C ARG C 353 3.12 21.73 19.03
N ASN C 354 3.52 20.97 18.02
CA ASN C 354 2.60 20.27 17.14
C ASN C 354 1.83 19.15 17.84
N VAL C 355 2.46 18.55 18.84
CA VAL C 355 1.86 17.51 19.66
C VAL C 355 0.55 18.02 20.27
N LYS C 356 0.65 19.12 21.01
CA LYS C 356 -0.47 19.71 21.71
C LYS C 356 -1.66 19.95 20.78
N LYS C 357 -1.40 20.61 19.65
CA LYS C 357 -2.43 20.91 18.66
C LYS C 357 -3.16 19.65 18.22
N PHE C 358 -2.37 18.65 17.83
CA PHE C 358 -2.88 17.35 17.43
C PHE C 358 -3.77 16.74 18.52
N LEU C 359 -3.40 16.97 19.77
CA LEU C 359 -4.13 16.42 20.91
C LEU C 359 -5.31 17.27 21.34
N SER C 360 -5.24 18.56 21.03
CA SER C 360 -6.31 19.50 21.36
C SER C 360 -7.60 19.14 20.64
N ARG C 361 -7.47 18.56 19.45
CA ARG C 361 -8.61 18.09 18.68
C ARG C 361 -9.36 17.01 19.47
N ASN C 362 -10.69 17.07 19.42
CA ASN C 362 -11.52 16.13 20.17
C ASN C 362 -11.88 14.89 19.35
N ARG C 363 -11.68 13.73 19.96
CA ARG C 363 -12.02 12.45 19.33
C ARG C 363 -12.73 11.52 20.30
N ALA C 364 -13.28 10.44 19.76
CA ALA C 364 -13.99 9.43 20.56
C ALA C 364 -13.03 8.45 21.25
N PHE C 365 -11.80 8.37 20.75
CA PHE C 365 -10.79 7.45 21.29
C PHE C 365 -9.43 8.11 21.49
N ARG C 366 -8.70 7.64 22.51
CA ARG C 366 -7.40 8.20 22.89
C ARG C 366 -6.35 8.01 21.79
N PRO C 367 -5.52 9.05 21.56
CA PRO C 367 -4.36 8.94 20.68
C PRO C 367 -3.20 8.23 21.35
N PHE C 368 -2.30 7.67 20.55
CA PHE C 368 -1.20 6.85 21.08
C PHE C 368 0.10 7.11 20.34
N ILE C 369 1.17 6.52 20.84
CA ILE C 369 2.48 6.60 20.19
C ILE C 369 2.90 5.23 19.67
N GLU C 370 3.55 5.24 18.51
CA GLU C 370 4.13 4.06 17.89
C GLU C 370 5.33 4.52 17.07
N ASN C 371 6.50 3.97 17.38
CA ASN C 371 7.77 4.33 16.73
C ASN C 371 8.17 5.81 16.90
N GLY C 372 7.86 6.36 18.08
CA GLY C 372 8.21 7.74 18.42
C GLY C 372 7.37 8.78 17.72
N ARG C 373 6.14 8.41 17.37
CA ARG C 373 5.25 9.28 16.60
C ARG C 373 3.80 9.05 17.05
N TRP C 374 3.03 10.13 17.08
CA TRP C 374 1.64 10.07 17.51
C TRP C 374 0.71 9.61 16.39
N TRP C 375 -0.30 8.85 16.77
CA TRP C 375 -1.34 8.39 15.84
C TRP C 375 -2.70 8.52 16.51
N ALA C 376 -3.74 8.71 15.69
CA ALA C 376 -5.09 8.89 16.21
C ALA C 376 -6.13 8.11 15.44
N PHE C 377 -7.09 7.58 16.18
CA PHE C 377 -8.25 6.93 15.58
C PHE C 377 -9.27 8.01 15.23
N GLU C 378 -9.70 8.01 13.97
CA GLU C 378 -10.71 8.95 13.51
C GLU C 378 -11.74 8.30 12.59
N MET C 379 -12.76 9.06 12.20
CA MET C 379 -13.89 8.53 11.44
C MET C 379 -13.88 8.96 9.98
N ARG C 380 -14.04 7.98 9.10
CA ARG C 380 -14.27 8.23 7.68
C ARG C 380 -15.68 8.78 7.50
N LYS C 381 -15.93 9.46 6.39
CA LYS C 381 -17.28 9.91 6.05
C LYS C 381 -17.98 8.97 5.06
N PHE C 382 -17.29 7.90 4.68
CA PHE C 382 -17.80 6.91 3.74
C PHE C 382 -17.27 5.52 4.07
N THR C 383 -18.11 4.50 3.89
CA THR C 383 -17.76 3.12 4.26
C THR C 383 -17.66 2.16 3.05
N THR C 384 -18.36 2.51 1.98
CA THR C 384 -18.32 1.74 0.72
C THR C 384 -17.71 2.59 -0.40
N PRO C 385 -17.09 1.94 -1.41
CA PRO C 385 -16.50 2.68 -2.54
C PRO C 385 -17.53 3.52 -3.28
N GLU C 386 -18.77 3.05 -3.28
CA GLU C 386 -19.89 3.80 -3.84
C GLU C 386 -20.05 5.13 -3.11
N GLU C 387 -20.11 5.07 -1.78
CA GLU C 387 -20.22 6.25 -0.94
C GLU C 387 -19.04 7.20 -1.14
N GLY C 388 -17.85 6.64 -1.26
CA GLY C 388 -16.62 7.41 -1.43
C GLY C 388 -16.58 8.15 -2.75
N VAL C 389 -16.91 7.44 -3.83
CA VAL C 389 -16.94 8.04 -5.17
C VAL C 389 -17.95 9.18 -5.22
N ARG C 390 -19.12 8.93 -4.63
CA ARG C 390 -20.15 9.94 -4.50
C ARG C 390 -19.56 11.22 -3.90
N SER C 391 -18.84 11.05 -2.80
CA SER C 391 -18.14 12.16 -2.15
C SER C 391 -17.11 12.79 -3.08
N TYR C 392 -16.39 11.95 -3.83
CA TYR C 392 -15.34 12.44 -4.72
C TYR C 392 -15.90 13.16 -5.94
N ALA C 393 -16.84 12.52 -6.61
CA ALA C 393 -17.47 13.09 -7.79
C ALA C 393 -18.04 14.47 -7.48
N SER C 394 -18.73 14.57 -6.34
CA SER C 394 -19.37 15.82 -5.94
C SER C 394 -18.39 16.93 -5.61
N THR C 395 -17.23 16.58 -5.06
CA THR C 395 -16.26 17.58 -4.59
C THR C 395 -15.14 17.85 -5.60
N HIS C 396 -14.86 16.86 -6.45
CA HIS C 396 -13.75 16.95 -7.37
C HIS C 396 -14.18 16.67 -8.81
N TRP C 397 -15.24 17.34 -9.22
CA TRP C 397 -15.75 17.24 -10.59
C TRP C 397 -14.85 17.95 -11.59
N HIS C 398 -14.32 19.10 -11.19
CA HIS C 398 -13.57 20.00 -12.06
C HIS C 398 -12.34 19.37 -12.71
N THR C 399 -11.66 18.51 -11.95
CA THR C 399 -10.46 17.83 -12.45
C THR C 399 -10.79 16.76 -13.47
N LEU C 400 -12.05 16.34 -13.50
CA LEU C 400 -12.47 15.25 -14.37
C LEU C 400 -12.74 15.76 -15.79
N GLY C 401 -11.76 16.48 -16.34
CA GLY C 401 -11.88 17.06 -17.67
C GLY C 401 -12.84 18.23 -17.70
N LYS C 402 -12.79 18.99 -18.80
CA LYS C 402 -13.59 20.20 -18.92
C LYS C 402 -15.08 19.87 -19.03
N ASN C 403 -15.46 19.19 -20.11
CA ASN C 403 -16.85 18.97 -20.42
C ASN C 403 -17.47 17.86 -19.61
N VAL C 404 -16.68 16.80 -19.41
CA VAL C 404 -17.12 15.64 -18.64
C VAL C 404 -17.39 16.06 -17.19
N GLY C 405 -16.42 16.72 -16.57
CA GLY C 405 -16.53 17.17 -15.18
C GLY C 405 -17.74 18.05 -14.95
N GLU C 406 -18.02 18.92 -15.91
CA GLU C 406 -19.15 19.84 -15.84
C GLU C 406 -20.47 19.07 -15.88
N SER C 407 -20.52 18.04 -16.74
CA SER C 407 -21.69 17.18 -16.87
C SER C 407 -21.99 16.41 -15.59
N ILE C 408 -20.93 16.00 -14.91
CA ILE C 408 -21.07 15.30 -13.64
C ILE C 408 -21.46 16.29 -12.56
N ARG C 409 -20.74 17.42 -12.52
CA ARG C 409 -21.01 18.50 -11.57
C ARG C 409 -22.50 18.76 -11.47
N GLU C 410 -23.13 18.95 -12.62
CA GLU C 410 -24.54 19.27 -12.70
C GLU C 410 -25.41 18.08 -12.29
N TYR C 411 -24.99 16.87 -12.66
CA TYR C 411 -25.74 15.66 -12.35
C TYR C 411 -24.91 14.40 -12.50
N PHE C 412 -25.15 13.45 -11.59
CA PHE C 412 -24.65 12.09 -11.74
C PHE C 412 -25.41 11.10 -10.85
N GLU C 413 -25.34 9.84 -11.24
CA GLU C 413 -25.87 8.73 -10.44
C GLU C 413 -24.80 7.66 -10.29
N ILE C 414 -24.89 6.91 -9.20
CA ILE C 414 -24.05 5.74 -9.00
C ILE C 414 -24.95 4.51 -8.93
N ILE C 415 -24.68 3.55 -9.81
CA ILE C 415 -25.53 2.37 -9.95
C ILE C 415 -24.78 1.09 -9.58
N SER C 416 -25.40 0.28 -8.72
CA SER C 416 -24.78 -0.94 -8.19
C SER C 416 -25.56 -2.22 -8.48
N GLY C 417 -24.83 -3.23 -8.95
CA GLY C 417 -25.36 -4.58 -9.16
C GLY C 417 -26.47 -4.73 -10.17
N GLU C 418 -27.58 -5.28 -9.72
CA GLU C 418 -28.73 -5.66 -10.57
C GLU C 418 -29.25 -4.51 -11.43
N LYS C 419 -29.22 -3.30 -10.86
CA LYS C 419 -29.67 -2.09 -11.55
C LYS C 419 -28.76 -1.78 -12.74
N LEU C 420 -27.45 -1.89 -12.52
CA LEU C 420 -26.44 -1.58 -13.52
C LEU C 420 -26.46 -2.54 -14.70
N PHE C 421 -26.72 -3.81 -14.41
CA PHE C 421 -26.73 -4.85 -15.43
C PHE C 421 -27.76 -4.56 -16.51
N LYS C 422 -28.79 -3.81 -16.13
CA LYS C 422 -29.82 -3.38 -17.06
C LYS C 422 -29.32 -2.29 -18.02
N GLU C 423 -28.26 -1.60 -17.64
CA GLU C 423 -27.66 -0.55 -18.48
C GLU C 423 -26.82 -1.15 -19.61
N PRO C 424 -26.62 -0.41 -20.72
CA PRO C 424 -25.97 -0.92 -21.93
C PRO C 424 -24.46 -1.08 -21.78
N VAL C 425 -24.05 -1.63 -20.65
CA VAL C 425 -22.65 -1.72 -20.28
C VAL C 425 -22.21 -3.16 -20.12
N THR C 426 -23.10 -4.07 -20.50
CA THR C 426 -22.86 -5.51 -20.39
C THR C 426 -21.53 -5.93 -21.01
N ALA C 427 -21.31 -5.56 -22.28
CA ALA C 427 -20.13 -5.95 -23.04
C ALA C 427 -18.80 -5.56 -22.38
N GLU C 428 -18.71 -4.31 -21.96
CA GLU C 428 -17.49 -3.78 -21.35
C GLU C 428 -17.22 -4.38 -19.98
N LEU C 429 -18.28 -4.59 -19.19
CA LEU C 429 -18.18 -5.24 -17.89
C LEU C 429 -17.52 -6.61 -18.04
N CYS C 430 -17.99 -7.36 -19.02
CA CYS C 430 -17.42 -8.66 -19.36
C CYS C 430 -15.96 -8.52 -19.80
N GLU C 431 -15.68 -7.45 -20.53
CA GLU C 431 -14.34 -7.18 -21.02
C GLU C 431 -13.43 -6.73 -19.87
N MET C 432 -13.98 -5.96 -18.94
CA MET C 432 -13.24 -5.47 -17.78
C MET C 432 -12.92 -6.61 -16.80
N MET C 433 -13.88 -7.51 -16.62
CA MET C 433 -13.70 -8.65 -15.72
C MET C 433 -13.06 -9.85 -16.41
N GLY C 434 -12.98 -9.80 -17.74
CA GLY C 434 -12.30 -10.83 -18.53
C GLY C 434 -13.04 -12.15 -18.69
N VAL C 435 -14.36 -12.07 -18.81
CA VAL C 435 -15.24 -13.24 -18.83
C VAL C 435 -15.05 -14.08 -20.09
N LYS C 436 -15.08 -15.40 -19.91
CA LYS C 436 -15.02 -16.35 -21.01
C LYS C 436 -16.40 -16.58 -21.62
N ASP C 437 -16.44 -17.22 -22.79
CA ASP C 437 -17.70 -17.53 -23.47
C ASP C 437 -18.16 -18.98 -23.24
N MET D 1 -3.16 20.63 42.28
CA MET D 1 -3.72 20.43 43.65
C MET D 1 -2.67 20.82 44.72
N LYS D 2 -2.00 21.96 44.47
CA LYS D 2 -0.95 22.55 45.34
C LYS D 2 0.46 21.99 45.15
N VAL D 3 0.54 20.77 44.60
CA VAL D 3 1.80 20.07 44.23
C VAL D 3 2.51 19.35 45.39
N GLU D 4 2.91 20.09 46.41
CA GLU D 4 3.69 19.53 47.51
C GLU D 4 2.85 18.64 48.41
N GLU D 5 1.58 19.01 48.58
CA GLU D 5 0.63 18.24 49.38
C GLU D 5 0.46 16.83 48.87
N ILE D 6 0.19 16.70 47.58
CA ILE D 6 0.01 15.40 46.95
C ILE D 6 1.30 14.56 46.97
N LEU D 7 2.45 15.24 47.04
CA LEU D 7 3.74 14.57 47.15
C LEU D 7 3.92 13.87 48.49
N GLU D 8 3.32 14.46 49.52
CA GLU D 8 3.43 13.98 50.89
C GLU D 8 2.35 12.95 51.21
N LYS D 9 1.15 13.17 50.69
CA LYS D 9 0.05 12.22 50.83
C LYS D 9 0.31 10.94 50.04
N ALA D 10 1.18 11.02 49.04
CA ALA D 10 1.56 9.86 48.24
C ALA D 10 2.47 8.93 49.02
N LEU D 11 3.21 9.49 49.97
CA LEU D 11 4.20 8.75 50.73
C LEU D 11 3.62 7.66 51.65
N GLU D 12 2.40 7.86 52.14
CA GLU D 12 1.74 6.86 52.99
C GLU D 12 1.27 5.63 52.21
N LEU D 13 1.35 5.71 50.89
CA LEU D 13 1.10 4.57 50.00
C LEU D 13 2.39 4.11 49.30
N VAL D 14 3.51 4.76 49.64
CA VAL D 14 4.81 4.47 49.02
C VAL D 14 5.81 3.93 50.03
N ILE D 15 6.03 4.68 51.12
CA ILE D 15 6.89 4.24 52.22
C ILE D 15 6.32 2.95 52.81
N PRO D 16 7.16 1.90 52.92
CA PRO D 16 6.80 0.61 53.50
C PRO D 16 6.00 0.72 54.81
N ASP D 17 6.71 0.86 55.94
CA ASP D 17 6.16 0.98 57.30
C ASP D 17 4.75 0.43 57.60
N GLU D 18 4.33 -0.60 56.86
CA GLU D 18 3.17 -1.38 57.24
C GLU D 18 3.66 -2.35 58.32
N GLU D 19 4.72 -1.90 59.00
CA GLU D 19 5.46 -2.67 60.01
C GLU D 19 6.03 -3.98 59.48
N GLU D 20 6.44 -3.96 58.20
CA GLU D 20 7.27 -4.98 57.63
C GLU D 20 8.73 -4.55 57.78
N VAL D 21 8.91 -3.24 57.98
CA VAL D 21 10.23 -2.65 58.17
C VAL D 21 11.01 -3.46 59.19
N ARG D 22 10.38 -3.74 60.33
CA ARG D 22 11.00 -4.50 61.40
C ARG D 22 11.19 -5.97 61.05
N LYS D 23 10.30 -6.49 60.21
CA LYS D 23 10.42 -7.89 59.77
C LYS D 23 11.69 -8.05 58.96
N GLY D 24 12.08 -6.97 58.29
CA GLY D 24 13.36 -6.90 57.61
C GLY D 24 14.49 -7.08 58.61
N ARG D 25 14.57 -6.17 59.57
CA ARG D 25 15.59 -6.20 60.61
C ARG D 25 15.66 -7.57 61.28
N GLU D 26 14.48 -8.08 61.63
CA GLU D 26 14.35 -9.39 62.28
C GLU D 26 15.01 -10.49 61.45
N ALA D 27 14.60 -10.60 60.19
CA ALA D 27 15.19 -11.57 59.28
C ALA D 27 16.67 -11.27 59.03
N GLU D 28 17.00 -9.98 58.89
CA GLU D 28 18.39 -9.55 58.71
C GLU D 28 19.25 -10.03 59.86
N GLU D 29 18.86 -9.65 61.07
CA GLU D 29 19.52 -10.09 62.28
C GLU D 29 19.72 -11.59 62.23
N GLU D 30 18.63 -12.33 62.06
CA GLU D 30 18.65 -13.79 61.97
C GLU D 30 19.59 -14.27 60.87
N LEU D 31 19.56 -13.55 59.74
CA LEU D 31 20.41 -13.82 58.60
C LEU D 31 21.86 -13.55 58.97
N ARG D 32 22.09 -12.40 59.60
CA ARG D 32 23.43 -12.03 60.05
C ARG D 32 24.00 -13.06 61.02
N ARG D 33 23.14 -13.61 61.87
CA ARG D 33 23.53 -14.63 62.85
C ARG D 33 24.13 -15.86 62.17
N ARG D 34 23.27 -16.62 61.50
CA ARG D 34 23.66 -17.88 60.86
C ARG D 34 24.84 -17.70 59.90
N LEU D 35 24.91 -16.54 59.25
CA LEU D 35 25.98 -16.24 58.30
C LEU D 35 27.34 -16.07 58.97
N ASP D 36 27.38 -15.28 60.04
CA ASP D 36 28.61 -15.09 60.81
C ASP D 36 29.02 -16.37 61.52
N GLU D 37 28.08 -17.32 61.57
CA GLU D 37 28.27 -18.63 62.17
C GLU D 37 29.14 -19.52 61.29
N LEU D 38 29.14 -19.24 59.99
CA LEU D 38 29.91 -20.04 59.03
C LEU D 38 31.17 -19.28 58.55
N GLY D 39 31.37 -18.09 59.10
CA GLY D 39 32.56 -17.27 58.82
C GLY D 39 32.75 -16.87 57.38
N VAL D 40 31.64 -16.55 56.72
CA VAL D 40 31.66 -16.21 55.30
C VAL D 40 31.71 -14.70 55.12
N GLU D 41 32.36 -14.27 54.05
CA GLU D 41 32.35 -12.88 53.65
C GLU D 41 31.03 -12.65 52.90
N TYR D 42 30.20 -11.76 53.46
CA TYR D 42 28.85 -11.53 52.93
C TYR D 42 28.51 -10.05 52.92
N VAL D 43 27.65 -9.67 51.97
CA VAL D 43 27.14 -8.29 51.90
C VAL D 43 25.64 -8.28 51.61
N PHE D 44 24.95 -7.37 52.28
CA PHE D 44 23.56 -7.08 51.99
C PHE D 44 23.52 -5.97 50.95
N VAL D 45 22.80 -6.20 49.85
CA VAL D 45 22.68 -5.23 48.77
C VAL D 45 21.22 -5.04 48.34
N GLY D 46 21.03 -4.34 47.21
CA GLY D 46 19.70 -4.14 46.64
C GLY D 46 18.83 -3.22 47.47
N SER D 47 17.53 -3.29 47.21
CA SER D 47 16.54 -2.39 47.80
C SER D 47 16.60 -2.29 49.33
N TYR D 48 16.72 -3.44 49.99
CA TYR D 48 16.67 -3.47 51.44
C TYR D 48 17.83 -2.72 52.11
N ALA D 49 19.04 -2.96 51.62
CA ALA D 49 20.26 -2.44 52.24
C ALA D 49 20.31 -0.91 52.26
N ARG D 50 19.61 -0.27 51.34
CA ARG D 50 19.60 1.18 51.25
C ARG D 50 18.31 1.78 51.80
N ASN D 51 17.43 0.90 52.30
CA ASN D 51 16.11 1.30 52.79
C ASN D 51 15.33 2.05 51.70
N THR D 52 15.26 1.42 50.52
CA THR D 52 14.70 2.05 49.32
C THR D 52 13.57 1.23 48.67
N TRP D 53 13.27 0.07 49.24
CA TRP D 53 12.23 -0.82 48.69
C TRP D 53 10.83 -0.22 48.83
N LEU D 54 9.92 -0.66 47.96
CA LEU D 54 8.55 -0.17 47.96
C LEU D 54 7.68 -0.94 48.97
N LYS D 55 6.58 -0.31 49.39
CA LYS D 55 5.61 -0.92 50.31
C LYS D 55 5.02 -2.22 49.75
N GLY D 56 5.33 -3.33 50.41
CA GLY D 56 4.90 -4.64 49.96
C GLY D 56 5.98 -5.38 49.17
N SER D 57 6.90 -4.62 48.59
CA SER D 57 7.99 -5.18 47.79
C SER D 57 9.24 -5.47 48.64
N LEU D 58 9.05 -6.23 49.71
CA LEU D 58 10.14 -6.57 50.63
C LEU D 58 10.98 -7.74 50.13
N GLU D 59 12.29 -7.52 50.06
CA GLU D 59 13.23 -8.52 49.55
C GLU D 59 14.65 -8.29 50.09
N ILE D 60 15.23 -9.34 50.65
CA ILE D 60 16.61 -9.29 51.12
C ILE D 60 17.54 -9.89 50.07
N ASP D 61 18.48 -9.08 49.62
CA ASP D 61 19.49 -9.56 48.68
C ASP D 61 20.81 -9.75 49.42
N VAL D 62 21.27 -11.00 49.44
CA VAL D 62 22.53 -11.33 50.10
C VAL D 62 23.54 -11.87 49.08
N PHE D 63 24.64 -11.13 48.92
CA PHE D 63 25.67 -11.49 47.97
C PHE D 63 26.90 -11.97 48.71
N LEU D 64 27.21 -13.26 48.56
CA LEU D 64 28.30 -13.89 49.26
C LEU D 64 29.60 -13.68 48.52
N LEU D 65 30.42 -12.74 48.98
CA LEU D 65 31.73 -12.49 48.40
C LEU D 65 32.67 -13.67 48.71
N PHE D 66 33.26 -14.22 47.66
CA PHE D 66 34.15 -15.36 47.81
C PHE D 66 35.55 -15.04 47.31
N PRO D 67 36.58 -15.59 48.01
CA PRO D 67 37.98 -15.28 47.75
C PRO D 67 38.34 -15.16 46.26
N GLU D 68 39.13 -14.14 45.93
CA GLU D 68 39.61 -13.91 44.57
C GLU D 68 40.67 -14.94 44.13
N GLU D 69 40.71 -16.08 44.80
CA GLU D 69 41.61 -17.19 44.48
C GLU D 69 40.96 -18.58 44.58
N PHE D 70 39.75 -18.70 44.02
CA PHE D 70 39.05 -19.98 43.92
C PHE D 70 38.66 -20.27 42.46
N SER D 71 37.59 -21.04 42.25
CA SER D 71 37.07 -21.29 40.91
C SER D 71 35.55 -21.42 40.91
N LYS D 72 34.94 -21.15 39.75
CA LYS D 72 33.49 -21.19 39.54
C LYS D 72 32.74 -22.24 40.35
N GLU D 73 33.21 -23.48 40.30
CA GLU D 73 32.54 -24.59 40.96
C GLU D 73 32.82 -24.67 42.46
N GLU D 74 33.94 -24.11 42.89
CA GLU D 74 34.31 -24.15 44.31
C GLU D 74 33.48 -23.14 45.10
N LEU D 75 33.04 -22.08 44.43
CA LEU D 75 32.08 -21.14 45.02
C LEU D 75 30.69 -21.76 44.98
N ARG D 76 30.47 -22.63 43.98
CA ARG D 76 29.19 -23.32 43.81
C ARG D 76 28.77 -24.05 45.06
N GLU D 77 29.55 -25.07 45.41
CA GLU D 77 29.35 -25.87 46.60
C GLU D 77 29.00 -24.97 47.79
N ARG D 78 29.72 -23.85 47.90
CA ARG D 78 29.59 -22.93 49.02
C ARG D 78 28.22 -22.26 49.10
N GLY D 79 27.83 -21.59 48.02
CA GLY D 79 26.53 -20.92 47.94
C GLY D 79 25.41 -21.83 48.41
N LEU D 80 25.45 -23.08 47.94
CA LEU D 80 24.51 -24.12 48.38
C LEU D 80 24.62 -24.34 49.88
N GLU D 81 25.77 -24.85 50.32
CA GLU D 81 26.04 -25.08 51.73
C GLU D 81 25.45 -23.98 52.60
N ILE D 82 25.69 -22.74 52.20
CA ILE D 82 25.24 -21.59 52.96
C ILE D 82 23.73 -21.39 52.83
N GLY D 83 23.28 -21.08 51.62
CA GLY D 83 21.86 -20.83 51.34
C GLY D 83 20.95 -21.76 52.14
N LYS D 84 21.16 -23.06 51.94
CA LYS D 84 20.39 -24.10 52.62
C LYS D 84 20.27 -23.82 54.11
N ALA D 85 21.42 -23.73 54.78
CA ALA D 85 21.49 -23.64 56.23
C ALA D 85 20.86 -22.37 56.78
N VAL D 86 20.82 -21.33 55.96
CA VAL D 86 20.38 -20.02 56.42
C VAL D 86 18.93 -19.72 56.01
N LEU D 87 18.50 -20.30 54.89
CA LEU D 87 17.12 -20.11 54.44
C LEU D 87 16.19 -21.16 55.05
N ASP D 88 14.88 -20.88 55.01
CA ASP D 88 13.86 -21.79 55.55
C ASP D 88 13.25 -22.72 54.49
N SER D 89 13.19 -22.25 53.24
CA SER D 89 12.74 -23.06 52.09
C SER D 89 13.44 -22.55 50.84
N TYR D 90 13.94 -23.45 50.00
CA TYR D 90 14.80 -23.03 48.89
C TYR D 90 14.53 -23.62 47.49
N GLU D 91 15.02 -22.91 46.47
CA GLU D 91 15.08 -23.38 45.09
C GLU D 91 16.47 -22.99 44.55
N ILE D 92 16.87 -23.58 43.43
CA ILE D 92 18.14 -23.22 42.80
C ILE D 92 17.92 -22.61 41.43
N ARG D 93 18.38 -21.36 41.29
CA ARG D 93 18.26 -20.64 40.02
C ARG D 93 19.64 -20.28 39.48
N TYR D 94 19.87 -20.71 38.25
CA TYR D 94 21.20 -20.90 37.68
C TYR D 94 21.73 -19.76 36.84
N ALA D 95 20.82 -19.01 36.20
CA ALA D 95 21.16 -17.77 35.50
C ALA D 95 22.33 -17.94 34.50
N GLU D 96 23.50 -17.39 34.84
CA GLU D 96 24.74 -17.67 34.13
C GLU D 96 25.79 -18.32 35.06
N HIS D 97 25.68 -17.97 36.34
CA HIS D 97 26.25 -18.76 37.44
C HIS D 97 25.21 -18.81 38.56
N PRO D 98 24.85 -20.03 39.01
CA PRO D 98 23.69 -20.29 39.89
C PRO D 98 23.61 -19.48 41.18
N TYR D 99 22.45 -19.56 41.81
CA TYR D 99 22.18 -18.82 43.03
C TYR D 99 21.01 -19.47 43.77
N VAL D 100 20.87 -19.15 45.06
CA VAL D 100 19.84 -19.76 45.91
C VAL D 100 18.76 -18.75 46.31
N HIS D 101 17.54 -19.01 45.84
CA HIS D 101 16.36 -18.22 46.22
C HIS D 101 15.55 -18.93 47.28
N GLY D 102 15.15 -18.20 48.30
CA GLY D 102 14.37 -18.78 49.38
C GLY D 102 13.53 -17.84 50.19
N VAL D 103 13.18 -18.30 51.40
CA VAL D 103 12.27 -17.60 52.31
C VAL D 103 12.84 -17.57 53.73
N VAL D 104 12.87 -16.38 54.35
CA VAL D 104 13.16 -16.25 55.79
C VAL D 104 12.08 -15.38 56.44
N LYS D 105 11.20 -16.03 57.20
CA LYS D 105 10.10 -15.38 57.92
C LYS D 105 9.09 -14.69 56.99
N GLY D 106 8.78 -15.34 55.87
CA GLY D 106 7.82 -14.81 54.89
C GLY D 106 8.40 -13.74 53.99
N VAL D 107 9.71 -13.51 54.11
CA VAL D 107 10.43 -12.51 53.33
C VAL D 107 11.25 -13.20 52.24
N GLU D 108 10.99 -12.85 50.98
CA GLU D 108 11.73 -13.42 49.85
C GLU D 108 13.20 -13.00 49.91
N VAL D 109 14.09 -13.98 50.07
CA VAL D 109 15.52 -13.72 50.24
C VAL D 109 16.35 -14.31 49.10
N ASP D 110 17.35 -13.56 48.66
CA ASP D 110 18.21 -13.97 47.56
C ASP D 110 19.65 -14.16 48.01
N VAL D 111 20.02 -15.41 48.25
CA VAL D 111 21.37 -15.77 48.66
C VAL D 111 22.21 -16.03 47.41
N VAL D 112 23.22 -15.19 47.22
CA VAL D 112 23.99 -15.19 45.96
C VAL D 112 25.50 -15.24 46.18
N PRO D 113 26.19 -16.19 45.55
CA PRO D 113 27.64 -16.25 45.59
C PRO D 113 28.29 -15.21 44.67
N CYS D 114 29.25 -14.47 45.22
CA CYS D 114 29.94 -13.41 44.51
C CYS D 114 31.45 -13.59 44.53
N TYR D 115 32.15 -12.49 44.29
CA TYR D 115 33.59 -12.41 44.48
C TYR D 115 33.90 -11.20 45.34
N LYS D 116 34.88 -11.34 46.24
CA LYS D 116 35.35 -10.20 47.03
C LYS D 116 36.13 -9.21 46.15
N LEU D 117 35.88 -9.27 44.84
CA LEU D 117 36.45 -8.33 43.87
C LEU D 117 36.26 -6.90 44.34
N LYS D 118 37.36 -6.26 44.71
CA LYS D 118 37.34 -4.86 45.09
C LYS D 118 37.97 -4.03 43.96
N GLU D 119 37.09 -3.28 43.30
CA GLU D 119 37.38 -2.43 42.13
C GLU D 119 37.09 -3.12 40.79
N PRO D 120 36.40 -2.41 39.85
CA PRO D 120 35.82 -2.97 38.63
C PRO D 120 36.82 -3.25 37.51
N LYS D 121 36.32 -3.29 36.26
CA LYS D 121 37.11 -3.63 35.06
C LYS D 121 37.61 -5.10 35.05
N ASN D 122 37.60 -5.74 36.22
CA ASN D 122 37.91 -7.17 36.38
C ASN D 122 36.61 -7.97 36.58
N ILE D 123 35.58 -7.61 35.83
CA ILE D 123 34.24 -8.20 35.96
C ILE D 123 33.99 -9.24 34.86
N LYS D 124 33.21 -10.26 35.20
CA LYS D 124 32.88 -11.36 34.27
C LYS D 124 31.42 -11.32 33.80
N SER D 125 30.49 -10.98 34.70
CA SER D 125 29.05 -10.92 34.38
C SER D 125 28.29 -9.88 35.21
N ALA D 126 26.98 -9.79 34.97
CA ALA D 126 26.10 -8.79 35.57
C ALA D 126 25.99 -8.87 37.10
N VAL D 127 26.15 -10.08 37.62
CA VAL D 127 26.00 -10.35 39.04
C VAL D 127 27.08 -9.66 39.90
N ASP D 128 28.35 -9.81 39.48
CA ASP D 128 29.50 -9.26 40.21
C ASP D 128 29.53 -7.72 40.22
N ARG D 129 28.63 -7.12 39.45
CA ARG D 129 28.57 -5.66 39.29
C ARG D 129 27.68 -4.99 40.34
N THR D 130 26.67 -5.71 40.81
CA THR D 130 25.71 -5.19 41.80
C THR D 130 26.36 -4.71 43.12
N PRO D 131 27.36 -5.45 43.65
CA PRO D 131 28.08 -4.93 44.83
C PRO D 131 28.63 -3.52 44.60
N PHE D 132 29.28 -3.32 43.47
CA PHE D 132 29.80 -2.00 43.10
C PHE D 132 28.66 -1.01 42.91
N HIS D 133 27.57 -1.47 42.29
CA HIS D 133 26.36 -0.66 42.15
C HIS D 133 25.95 -0.15 43.51
N HIS D 134 25.81 -1.06 44.46
CA HIS D 134 25.47 -0.72 45.83
C HIS D 134 26.53 0.19 46.44
N LYS D 135 27.80 -0.16 46.23
CA LYS D 135 28.92 0.58 46.79
C LYS D 135 28.90 2.05 46.39
N TRP D 136 28.71 2.30 45.09
CA TRP D 136 28.74 3.66 44.55
C TRP D 136 27.55 4.49 45.00
N LEU D 137 26.38 3.85 45.09
CA LEU D 137 25.16 4.53 45.52
C LEU D 137 25.10 4.71 47.03
N GLU D 138 25.71 3.79 47.76
CA GLU D 138 25.80 3.86 49.21
C GLU D 138 26.50 5.15 49.62
N GLY D 139 25.88 5.88 50.55
CA GLY D 139 26.47 7.12 51.07
C GLY D 139 26.30 8.33 50.17
N ARG D 140 26.07 8.09 48.87
CA ARG D 140 25.84 9.18 47.93
C ARG D 140 24.35 9.40 47.74
N ILE D 141 23.55 8.46 48.25
CA ILE D 141 22.10 8.53 48.17
C ILE D 141 21.44 8.85 49.52
N LYS D 142 22.19 8.66 50.60
CA LYS D 142 21.71 8.89 51.96
C LYS D 142 20.94 10.21 52.06
N GLY D 143 19.71 10.12 52.56
CA GLY D 143 18.84 11.29 52.72
C GLY D 143 17.84 11.47 51.60
N LYS D 144 18.23 11.06 50.39
CA LYS D 144 17.42 11.29 49.19
C LYS D 144 16.58 10.07 48.80
N GLU D 145 16.48 9.11 49.72
CA GLU D 145 15.76 7.85 49.49
C GLU D 145 14.26 8.02 49.22
N ASN D 146 13.65 8.98 49.89
CA ASN D 146 12.23 9.28 49.68
C ASN D 146 11.95 9.72 48.25
N GLU D 147 12.83 10.54 47.71
CA GLU D 147 12.70 11.08 46.36
C GLU D 147 12.75 9.98 45.31
N VAL D 148 13.59 8.98 45.57
CA VAL D 148 13.66 7.78 44.73
C VAL D 148 12.30 7.09 44.72
N ARG D 149 11.77 6.87 45.92
CA ARG D 149 10.50 6.18 46.11
C ARG D 149 9.36 6.85 45.35
N LEU D 150 9.41 8.18 45.29
CA LEU D 150 8.46 8.95 44.50
C LEU D 150 8.56 8.57 43.03
N LEU D 151 9.79 8.55 42.52
CA LEU D 151 10.05 8.19 41.13
C LEU D 151 9.48 6.81 40.85
N LYS D 152 9.91 5.83 41.62
CA LYS D 152 9.40 4.47 41.50
C LYS D 152 7.88 4.50 41.46
N GLY D 153 7.26 5.09 42.49
CA GLY D 153 5.82 5.18 42.60
C GLY D 153 5.18 5.76 41.37
N PHE D 154 5.73 6.87 40.90
CA PHE D 154 5.26 7.52 39.68
C PHE D 154 5.24 6.55 38.52
N LEU D 155 6.32 5.80 38.37
CA LEU D 155 6.48 4.86 37.25
C LEU D 155 5.58 3.64 37.38
N LYS D 156 5.40 3.17 38.61
CA LYS D 156 4.61 1.97 38.87
C LYS D 156 3.12 2.26 38.67
N ALA D 157 2.70 3.46 39.04
CA ALA D 157 1.32 3.90 38.89
C ALA D 157 0.86 3.87 37.44
N ASN D 158 1.79 4.12 36.53
CA ASN D 158 1.50 4.13 35.10
C ASN D 158 2.14 2.95 34.38
N GLY D 159 2.66 2.00 35.17
CA GLY D 159 3.12 0.71 34.68
C GLY D 159 4.36 0.73 33.81
N ILE D 160 5.35 1.52 34.19
CA ILE D 160 6.62 1.57 33.46
C ILE D 160 7.84 1.41 34.39
N TYR D 161 7.58 0.87 35.58
CA TYR D 161 8.64 0.50 36.48
C TYR D 161 8.95 -0.97 36.31
N GLY D 162 10.24 -1.29 36.21
CA GLY D 162 10.70 -2.66 36.07
C GLY D 162 11.66 -2.83 34.92
N ALA D 163 12.62 -3.74 35.10
CA ALA D 163 13.61 -4.06 34.06
C ALA D 163 13.25 -5.33 33.29
N GLU D 164 12.31 -6.10 33.84
CA GLU D 164 11.81 -7.31 33.22
C GLU D 164 11.09 -6.97 31.91
N TYR D 165 11.08 -7.91 30.98
CA TYR D 165 10.57 -7.66 29.63
C TYR D 165 9.08 -7.36 29.57
N LYS D 166 8.30 -7.91 30.51
CA LYS D 166 6.85 -7.66 30.56
C LYS D 166 6.57 -6.16 30.64
N VAL D 167 7.53 -5.42 31.19
CA VAL D 167 7.40 -3.98 31.32
C VAL D 167 8.30 -3.25 30.33
N ARG D 168 9.59 -3.62 30.33
CA ARG D 168 10.63 -2.90 29.58
C ARG D 168 10.74 -1.42 29.97
N GLY D 169 10.52 -1.14 31.26
CA GLY D 169 10.51 0.24 31.74
C GLY D 169 11.79 0.64 32.43
N PHE D 170 11.64 1.22 33.61
CA PHE D 170 12.78 1.73 34.37
C PHE D 170 13.22 0.72 35.42
N SER D 171 14.52 0.44 35.46
CA SER D 171 15.08 -0.39 36.51
C SER D 171 15.29 0.45 37.76
N GLY D 172 15.13 -0.17 38.92
CA GLY D 172 15.29 0.51 40.21
C GLY D 172 16.61 1.24 40.34
N TYR D 173 17.69 0.54 40.00
CA TYR D 173 19.05 1.11 40.02
C TYR D 173 19.14 2.38 39.16
N LEU D 174 18.45 2.37 38.02
CA LEU D 174 18.39 3.51 37.14
C LEU D 174 17.74 4.69 37.84
N CYS D 175 16.59 4.42 38.44
CA CYS D 175 15.85 5.44 39.18
C CYS D 175 16.73 6.10 40.23
N GLU D 176 17.47 5.28 40.97
CA GLU D 176 18.39 5.76 41.99
C GLU D 176 19.44 6.65 41.36
N LEU D 177 20.06 6.17 40.29
CA LEU D 177 21.05 6.95 39.55
C LEU D 177 20.51 8.31 39.15
N LEU D 178 19.23 8.34 38.78
CA LEU D 178 18.58 9.57 38.33
C LEU D 178 18.41 10.58 39.46
N ILE D 179 17.80 10.15 40.55
CA ILE D 179 17.57 11.00 41.71
C ILE D 179 18.89 11.63 42.14
N VAL D 180 19.94 10.83 42.10
CA VAL D 180 21.29 11.28 42.41
C VAL D 180 21.73 12.40 41.47
N PHE D 181 21.47 12.21 40.18
CA PHE D 181 21.96 13.14 39.16
C PHE D 181 21.29 14.51 39.22
N TYR D 182 19.97 14.52 39.39
CA TYR D 182 19.22 15.78 39.36
C TYR D 182 19.04 16.41 40.74
N GLY D 183 18.88 15.59 41.77
CA GLY D 183 18.74 16.08 43.13
C GLY D 183 17.48 15.59 43.83
N SER D 184 16.40 15.45 43.06
CA SER D 184 15.10 15.02 43.59
C SER D 184 14.11 14.66 42.47
N PHE D 185 13.09 13.90 42.83
CA PHE D 185 11.94 13.71 41.95
C PHE D 185 11.30 15.08 41.79
N LEU D 186 11.20 15.52 40.55
CA LEU D 186 10.76 16.86 40.20
C LEU D 186 11.84 17.46 39.34
N GLU D 187 13.01 17.70 39.93
CA GLU D 187 14.17 18.17 39.19
C GLU D 187 14.51 17.12 38.12
N THR D 188 14.11 15.90 38.40
CA THR D 188 14.18 14.83 37.42
C THR D 188 13.05 15.00 36.42
N VAL D 189 11.85 15.23 36.94
CA VAL D 189 10.64 15.40 36.12
C VAL D 189 10.77 16.59 35.17
N LYS D 190 11.29 17.71 35.70
CA LYS D 190 11.49 18.93 34.91
C LYS D 190 12.39 18.68 33.70
N ASN D 191 13.54 18.06 33.95
CA ASN D 191 14.54 17.84 32.92
C ASN D 191 14.17 16.73 31.95
N ALA D 192 13.39 15.77 32.43
CA ALA D 192 12.91 14.67 31.59
C ALA D 192 12.03 15.16 30.47
N ARG D 193 11.40 16.32 30.68
CA ARG D 193 10.59 16.96 29.65
C ARG D 193 11.41 17.33 28.43
N ARG D 194 12.73 17.43 28.61
CA ARG D 194 13.63 17.81 27.53
C ARG D 194 14.54 16.67 27.06
N TRP D 195 14.15 15.43 27.35
CA TRP D 195 14.88 14.25 26.87
C TRP D 195 14.53 13.94 25.41
N THR D 196 15.51 13.42 24.69
CA THR D 196 15.32 12.99 23.31
C THR D 196 15.74 11.53 23.16
N ARG D 197 15.40 10.92 22.02
CA ARG D 197 15.77 9.53 21.73
C ARG D 197 17.30 9.35 21.60
N ARG D 198 18.03 10.45 21.78
CA ARG D 198 19.48 10.45 21.66
C ARG D 198 20.16 11.12 22.86
N THR D 199 19.37 11.44 23.88
CA THR D 199 19.87 12.07 25.11
C THR D 199 20.70 11.07 25.94
N VAL D 200 21.92 11.46 26.28
CA VAL D 200 22.85 10.61 27.06
C VAL D 200 23.14 11.21 28.44
N ILE D 201 22.92 10.43 29.49
CA ILE D 201 23.18 10.88 30.86
C ILE D 201 24.35 10.12 31.48
N ASP D 202 25.53 10.75 31.45
CA ASP D 202 26.72 10.24 32.12
C ASP D 202 26.70 10.79 33.55
N VAL D 203 26.38 9.93 34.50
CA VAL D 203 26.28 10.32 35.90
C VAL D 203 27.68 10.56 36.47
N ALA D 204 28.66 9.79 35.97
CA ALA D 204 30.05 9.85 36.44
C ALA D 204 30.72 11.22 36.29
N LYS D 205 30.47 11.89 35.17
CA LYS D 205 31.04 13.22 34.91
C LYS D 205 30.08 14.36 35.30
N GLY D 206 28.82 14.01 35.55
CA GLY D 206 27.77 14.99 35.85
C GLY D 206 27.39 15.82 34.64
N GLU D 207 27.31 15.14 33.49
CA GLU D 207 27.21 15.80 32.17
C GLU D 207 26.05 15.25 31.33
N VAL D 208 25.47 16.11 30.50
CA VAL D 208 24.41 15.72 29.56
C VAL D 208 24.84 16.06 28.12
N ARG D 209 24.73 15.09 27.22
CA ARG D 209 25.11 15.29 25.82
C ARG D 209 24.22 14.50 24.86
N LYS D 210 24.50 14.62 23.56
CA LYS D 210 23.79 13.85 22.53
C LYS D 210 24.68 12.74 21.98
N GLY D 211 24.10 11.55 21.78
CA GLY D 211 24.85 10.38 21.29
C GLY D 211 24.20 9.73 20.08
N GLU D 212 23.78 8.47 20.23
CA GLU D 212 23.15 7.70 19.15
C GLU D 212 21.80 7.11 19.57
N GLU D 213 21.76 6.53 20.77
CA GLU D 213 20.54 6.02 21.37
C GLU D 213 20.38 6.71 22.72
N PHE D 214 19.24 6.51 23.37
CA PHE D 214 19.08 6.97 24.75
C PHE D 214 19.97 6.10 25.64
N PHE D 215 20.92 6.75 26.33
CA PHE D 215 21.96 6.05 27.06
C PHE D 215 22.18 6.68 28.43
N VAL D 216 22.02 5.88 29.48
CA VAL D 216 22.39 6.32 30.81
C VAL D 216 23.65 5.56 31.20
N VAL D 217 24.74 6.32 31.38
CA VAL D 217 26.06 5.75 31.62
C VAL D 217 26.23 5.29 33.07
N ASP D 218 26.56 4.00 33.22
CA ASP D 218 26.88 3.44 34.52
C ASP D 218 28.19 4.06 35.00
N PRO D 219 28.15 4.72 36.16
CA PRO D 219 29.33 5.35 36.75
C PRO D 219 30.42 4.33 37.09
N VAL D 220 30.04 3.05 37.16
CA VAL D 220 30.96 1.96 37.51
C VAL D 220 31.68 1.44 36.26
N ASP D 221 30.92 1.17 35.21
CA ASP D 221 31.46 0.74 33.93
C ASP D 221 30.81 1.60 32.85
N GLU D 222 31.61 2.50 32.28
CA GLU D 222 31.09 3.46 31.31
C GLU D 222 30.74 2.83 29.95
N LYS D 223 30.79 1.50 29.87
CA LYS D 223 30.43 0.76 28.66
C LYS D 223 29.04 0.16 28.80
N ARG D 224 28.40 0.47 29.92
CA ARG D 224 27.14 -0.14 30.33
C ARG D 224 25.99 0.85 30.14
N ASN D 225 24.93 0.43 29.45
CA ASN D 225 23.70 1.22 29.42
C ASN D 225 22.72 0.69 30.46
N VAL D 226 22.49 1.50 31.48
CA VAL D 226 21.58 1.15 32.58
C VAL D 226 20.14 1.15 32.06
N ALA D 227 19.86 2.04 31.12
CA ALA D 227 18.53 2.18 30.52
C ALA D 227 18.38 1.34 29.25
N ALA D 228 19.17 0.27 29.15
CA ALA D 228 19.14 -0.61 27.97
C ALA D 228 17.76 -1.25 27.76
N ASN D 229 17.11 -1.66 28.85
CA ASN D 229 15.80 -2.28 28.78
C ASN D 229 14.65 -1.33 28.53
N LEU D 230 14.89 -0.04 28.77
CA LEU D 230 13.89 0.97 28.50
C LEU D 230 13.62 1.02 27.01
N SER D 231 12.42 0.61 26.62
CA SER D 231 11.99 0.62 25.24
C SER D 231 11.83 2.06 24.78
N LEU D 232 11.96 2.25 23.48
CA LEU D 232 11.71 3.54 22.86
C LEU D 232 10.38 4.11 23.36
N ASP D 233 9.30 3.36 23.14
CA ASP D 233 7.94 3.83 23.41
C ASP D 233 7.70 4.23 24.87
N ASN D 234 8.19 3.41 25.80
CA ASN D 234 8.02 3.69 27.22
C ASN D 234 8.70 4.98 27.65
N LEU D 235 9.94 5.17 27.19
CA LEU D 235 10.68 6.40 27.46
C LEU D 235 9.82 7.61 27.10
N ALA D 236 9.31 7.61 25.86
CA ALA D 236 8.47 8.69 25.38
C ALA D 236 7.28 8.88 26.31
N ARG D 237 6.61 7.78 26.68
CA ARG D 237 5.49 7.84 27.61
C ARG D 237 5.88 8.61 28.85
N PHE D 238 7.02 8.23 29.44
CA PHE D 238 7.53 8.88 30.64
C PHE D 238 7.69 10.37 30.42
N VAL D 239 8.41 10.72 29.36
CA VAL D 239 8.66 12.12 29.01
C VAL D 239 7.34 12.89 28.91
N HIS D 240 6.36 12.32 28.23
CA HIS D 240 5.06 12.95 28.05
C HIS D 240 4.31 13.09 29.37
N LEU D 241 4.48 12.11 30.25
CA LEU D 241 3.87 12.14 31.56
C LEU D 241 4.52 13.18 32.45
N CYS D 242 5.79 13.48 32.18
CA CYS D 242 6.51 14.53 32.88
C CYS D 242 6.04 15.92 32.43
N ARG D 243 5.77 16.05 31.13
CA ARG D 243 5.22 17.29 30.57
C ARG D 243 3.79 17.51 31.04
N GLU D 244 3.02 16.43 31.14
CA GLU D 244 1.64 16.48 31.59
C GLU D 244 1.52 16.75 33.09
N PHE D 245 2.52 16.30 33.85
CA PHE D 245 2.52 16.46 35.30
C PHE D 245 2.80 17.90 35.71
N MET D 246 3.81 18.51 35.11
CA MET D 246 4.23 19.87 35.46
C MET D 246 3.16 20.91 35.15
N GLU D 247 2.43 20.70 34.06
CA GLU D 247 1.42 21.64 33.59
C GLU D 247 0.19 21.64 34.50
N ALA D 248 -0.27 20.44 34.88
CA ALA D 248 -1.40 20.29 35.79
C ALA D 248 -1.17 19.12 36.75
N PRO D 249 -0.40 19.37 37.84
CA PRO D 249 -0.07 18.32 38.81
C PRO D 249 -1.28 17.82 39.57
N SER D 250 -1.35 16.51 39.77
CA SER D 250 -2.43 15.88 40.50
C SER D 250 -1.95 14.55 41.09
N LEU D 251 -2.69 14.05 42.08
CA LEU D 251 -2.32 12.81 42.77
C LEU D 251 -2.58 11.57 41.93
N GLY D 252 -3.47 11.68 40.94
CA GLY D 252 -3.83 10.58 40.03
C GLY D 252 -2.67 10.06 39.18
N PHE D 253 -1.53 10.74 39.29
CA PHE D 253 -0.30 10.30 38.64
C PHE D 253 0.46 9.32 39.53
N PHE D 254 -0.06 9.10 40.73
CA PHE D 254 0.59 8.22 41.70
C PHE D 254 -0.29 7.04 42.12
N LYS D 255 -1.60 7.19 41.95
CA LYS D 255 -2.52 6.07 42.11
C LYS D 255 -2.43 5.15 40.90
N PRO D 256 -2.27 3.83 41.13
CA PRO D 256 -2.40 2.89 40.02
C PRO D 256 -3.85 2.83 39.52
N LYS D 257 -4.05 3.20 38.25
CA LYS D 257 -5.39 3.26 37.66
C LYS D 257 -5.92 1.85 37.40
N HIS D 258 -7.23 1.68 37.62
CA HIS D 258 -7.85 0.35 37.64
C HIS D 258 -8.68 0.02 36.39
N PRO D 259 -8.93 -1.29 36.14
CA PRO D 259 -9.77 -1.78 35.04
C PRO D 259 -11.00 -0.94 34.74
N LEU D 260 -11.29 -0.77 33.45
CA LEU D 260 -12.47 -0.04 32.98
C LEU D 260 -13.72 -0.91 33.10
N GLU D 261 -13.50 -2.20 33.32
CA GLU D 261 -14.52 -3.27 33.44
C GLU D 261 -15.84 -3.06 32.70
N ILE D 262 -15.89 -3.54 31.47
CA ILE D 262 -16.99 -3.32 30.54
C ILE D 262 -17.87 -4.57 30.43
N GLU D 263 -19.10 -4.37 29.94
CA GLU D 263 -20.00 -5.46 29.59
C GLU D 263 -19.77 -5.82 28.12
N PRO D 264 -20.13 -7.05 27.71
CA PRO D 264 -20.12 -7.38 26.29
C PRO D 264 -21.00 -6.43 25.48
N GLU D 265 -22.04 -5.90 26.12
CA GLU D 265 -22.99 -4.99 25.48
C GLU D 265 -22.35 -3.68 25.01
N ARG D 266 -21.50 -3.07 25.84
CA ARG D 266 -20.85 -1.81 25.47
C ARG D 266 -19.68 -2.02 24.51
N LEU D 267 -19.05 -3.19 24.59
CA LEU D 267 -17.92 -3.50 23.73
C LEU D 267 -18.35 -3.81 22.31
N ARG D 268 -19.41 -4.63 22.17
CA ARG D 268 -19.99 -4.96 20.88
C ARG D 268 -20.39 -3.71 20.11
N LYS D 269 -21.01 -2.77 20.83
CA LYS D 269 -21.45 -1.49 20.27
C LYS D 269 -20.27 -0.72 19.69
N ILE D 270 -19.20 -0.63 20.47
CA ILE D 270 -17.98 0.05 20.04
C ILE D 270 -17.48 -0.58 18.75
N VAL D 271 -17.37 -1.91 18.74
CA VAL D 271 -16.95 -2.66 17.57
C VAL D 271 -17.85 -2.34 16.37
N GLU D 272 -19.15 -2.47 16.59
CA GLU D 272 -20.15 -2.18 15.56
C GLU D 272 -19.97 -0.77 15.03
N GLU D 273 -19.90 0.20 15.94
CA GLU D 273 -19.72 1.60 15.59
C GLU D 273 -18.39 1.81 14.87
N ARG D 274 -17.35 1.10 15.33
CA ARG D 274 -16.04 1.14 14.69
C ARG D 274 -16.10 0.49 13.31
N GLY D 275 -17.00 -0.48 13.16
CA GLY D 275 -17.16 -1.21 11.91
C GLY D 275 -15.92 -2.01 11.54
N THR D 276 -15.18 -2.43 12.57
CA THR D 276 -13.92 -3.12 12.38
C THR D 276 -14.06 -4.61 12.65
N ALA D 277 -13.17 -5.41 12.06
CA ALA D 277 -13.08 -6.83 12.37
C ALA D 277 -12.13 -7.02 13.53
N VAL D 278 -12.66 -7.50 14.64
CA VAL D 278 -11.87 -7.75 15.84
C VAL D 278 -11.86 -9.24 16.15
N PHE D 279 -10.66 -9.78 16.31
CA PHE D 279 -10.48 -11.21 16.56
C PHE D 279 -9.18 -11.47 17.29
N ALA D 280 -9.06 -12.68 17.83
CA ALA D 280 -7.88 -13.07 18.60
C ALA D 280 -7.47 -14.52 18.35
N VAL D 281 -6.18 -14.77 18.53
CA VAL D 281 -5.63 -16.12 18.45
C VAL D 281 -5.41 -16.64 19.87
N LYS D 282 -6.20 -17.64 20.23
CA LYS D 282 -6.12 -18.29 21.55
C LYS D 282 -5.33 -19.59 21.45
N PHE D 283 -4.49 -19.84 22.45
CA PHE D 283 -3.70 -21.08 22.54
C PHE D 283 -3.13 -21.20 23.95
N ARG D 284 -2.90 -22.44 24.38
CA ARG D 284 -2.42 -22.71 25.73
C ARG D 284 -1.05 -22.11 25.98
N LYS D 285 -0.83 -21.67 27.22
CA LYS D 285 0.43 -21.05 27.63
C LYS D 285 1.53 -22.10 27.82
N PRO D 286 2.64 -21.96 27.07
CA PRO D 286 3.82 -22.79 27.31
C PRO D 286 4.46 -22.40 28.64
N ASP D 287 4.74 -23.38 29.48
CA ASP D 287 5.26 -23.10 30.81
C ASP D 287 6.75 -22.74 30.77
N ILE D 288 7.00 -21.45 30.63
CA ILE D 288 8.34 -20.90 30.63
C ILE D 288 8.32 -19.55 31.36
N VAL D 289 9.50 -18.96 31.57
CA VAL D 289 9.63 -17.70 32.31
C VAL D 289 9.00 -16.52 31.56
N ASP D 290 8.65 -15.47 32.31
CA ASP D 290 8.05 -14.28 31.73
C ASP D 290 8.96 -13.59 30.73
N ASP D 291 10.25 -13.54 31.04
CA ASP D 291 11.24 -12.84 30.23
C ASP D 291 11.60 -13.61 28.94
N ASN D 292 10.86 -14.68 28.67
CA ASN D 292 11.01 -15.46 27.44
C ASN D 292 9.72 -15.38 26.62
N LEU D 293 8.59 -15.46 27.33
CA LEU D 293 7.27 -15.55 26.71
C LEU D 293 6.87 -14.29 25.95
N TYR D 294 6.90 -13.17 26.66
CA TYR D 294 6.47 -11.90 26.09
C TYR D 294 7.25 -11.50 24.82
N PRO D 295 8.58 -11.67 24.81
CA PRO D 295 9.34 -11.43 23.57
C PRO D 295 8.80 -12.27 22.42
N GLN D 296 8.54 -13.54 22.68
CA GLN D 296 7.96 -14.44 21.69
C GLN D 296 6.56 -13.96 21.28
N LEU D 297 5.71 -13.68 22.26
CA LEU D 297 4.36 -13.16 22.00
C LEU D 297 4.40 -11.93 21.09
N GLU D 298 5.33 -11.03 21.39
CA GLU D 298 5.53 -9.82 20.60
C GLU D 298 5.90 -10.16 19.16
N ARG D 299 6.93 -10.99 19.00
CA ARG D 299 7.34 -11.46 17.69
C ARG D 299 6.15 -12.08 16.97
N ALA D 300 5.44 -12.97 17.66
CA ALA D 300 4.28 -13.66 17.10
C ALA D 300 3.23 -12.66 16.61
N SER D 301 2.88 -11.72 17.46
CA SER D 301 1.92 -10.68 17.12
C SER D 301 2.36 -9.95 15.85
N ARG D 302 3.61 -9.49 15.86
CA ARG D 302 4.18 -8.72 14.76
C ARG D 302 4.01 -9.42 13.41
N LYS D 303 4.42 -10.69 13.34
CA LYS D 303 4.38 -11.44 12.08
C LYS D 303 2.98 -11.48 11.51
N ILE D 304 2.01 -11.81 12.36
CA ILE D 304 0.60 -11.86 11.95
C ILE D 304 0.18 -10.48 11.47
N PHE D 305 0.59 -9.45 12.22
CA PHE D 305 0.34 -8.07 11.83
C PHE D 305 0.89 -7.85 10.41
N GLU D 306 2.17 -8.18 10.22
CA GLU D 306 2.84 -8.01 8.94
C GLU D 306 2.15 -8.80 7.83
N PHE D 307 1.63 -9.96 8.18
CA PHE D 307 0.91 -10.83 7.26
C PHE D 307 -0.35 -10.14 6.74
N LEU D 308 -1.19 -9.69 7.67
CA LEU D 308 -2.45 -9.03 7.33
C LEU D 308 -2.22 -7.75 6.51
N GLU D 309 -1.04 -7.18 6.66
CA GLU D 309 -0.61 -6.05 5.83
C GLU D 309 -0.38 -6.50 4.40
N ARG D 310 0.38 -7.58 4.24
CA ARG D 310 0.67 -8.14 2.92
C ARG D 310 -0.62 -8.49 2.20
N GLU D 311 -1.54 -9.15 2.90
CA GLU D 311 -2.82 -9.55 2.33
C GLU D 311 -3.89 -8.47 2.48
N ASN D 312 -3.47 -7.30 2.96
CA ASN D 312 -4.20 -6.04 2.79
C ASN D 312 -5.52 -5.89 3.55
N PHE D 313 -5.70 -6.65 4.63
CA PHE D 313 -6.85 -6.45 5.50
C PHE D 313 -6.66 -5.18 6.32
N MET D 314 -5.47 -4.60 6.19
CA MET D 314 -5.08 -3.36 6.83
C MET D 314 -5.43 -3.34 8.32
N PRO D 315 -4.54 -3.95 9.12
CA PRO D 315 -4.71 -3.96 10.56
C PRO D 315 -4.47 -2.58 11.13
N LEU D 316 -5.09 -2.32 12.27
CA LEU D 316 -4.85 -1.08 12.97
C LEU D 316 -3.75 -1.31 13.99
N ARG D 317 -4.08 -2.01 15.07
CA ARG D 317 -3.13 -2.31 16.12
C ARG D 317 -3.14 -3.81 16.44
N SER D 318 -2.24 -4.20 17.34
CA SER D 318 -2.14 -5.57 17.80
C SER D 318 -1.87 -5.58 19.30
N ALA D 319 -2.45 -6.54 20.00
CA ALA D 319 -2.26 -6.67 21.45
C ALA D 319 -2.16 -8.12 21.91
N PHE D 320 -1.58 -8.32 23.09
CA PHE D 320 -1.36 -9.65 23.63
C PHE D 320 -1.62 -9.72 25.14
N LYS D 321 -2.17 -10.85 25.56
CA LYS D 321 -2.41 -11.14 26.97
C LYS D 321 -2.08 -12.59 27.28
N ALA D 322 -1.44 -12.81 28.43
CA ALA D 322 -1.10 -14.15 28.89
C ALA D 322 -1.72 -14.44 30.27
N SER D 323 -2.77 -15.25 30.28
CA SER D 323 -3.40 -15.69 31.53
C SER D 323 -2.54 -16.77 32.18
N GLU D 324 -3.10 -17.44 33.18
CA GLU D 324 -2.40 -18.57 33.79
C GLU D 324 -2.61 -19.85 32.97
N GLU D 325 -3.43 -19.75 31.92
CA GLU D 325 -3.78 -20.92 31.12
C GLU D 325 -3.51 -20.74 29.63
N PHE D 326 -4.03 -19.66 29.05
CA PHE D 326 -3.92 -19.43 27.62
C PHE D 326 -3.17 -18.15 27.27
N CYS D 327 -2.90 -17.98 25.98
CA CYS D 327 -2.32 -16.73 25.46
C CYS D 327 -3.20 -16.21 24.32
N TYR D 328 -3.32 -14.90 24.25
CA TYR D 328 -4.23 -14.25 23.31
C TYR D 328 -3.50 -13.26 22.43
N LEU D 329 -3.70 -13.39 21.13
CA LEU D 329 -3.13 -12.45 20.18
C LEU D 329 -4.26 -11.68 19.51
N LEU D 330 -4.43 -10.43 19.94
CA LEU D 330 -5.60 -9.63 19.55
C LEU D 330 -5.31 -8.76 18.34
N PHE D 331 -6.29 -8.68 17.44
CA PHE D 331 -6.13 -7.93 16.21
C PHE D 331 -7.39 -7.21 15.78
N GLU D 332 -7.21 -5.97 15.32
CA GLU D 332 -8.28 -5.16 14.77
C GLU D 332 -7.90 -4.69 13.37
N CYS D 333 -8.71 -5.07 12.40
CA CYS D 333 -8.46 -4.72 10.99
C CYS D 333 -9.52 -3.80 10.42
N GLN D 334 -9.15 -3.15 9.33
CA GLN D 334 -10.05 -2.24 8.64
C GLN D 334 -10.91 -2.96 7.61
N ILE D 335 -10.53 -4.19 7.27
CA ILE D 335 -11.25 -4.99 6.28
C ILE D 335 -11.88 -6.24 6.88
N LYS D 336 -13.21 -6.28 6.89
CA LYS D 336 -13.95 -7.47 7.33
C LYS D 336 -13.98 -8.51 6.22
N GLU D 337 -14.25 -8.06 4.99
CA GLU D 337 -14.34 -8.95 3.84
C GLU D 337 -13.59 -8.37 2.66
N ILE D 338 -12.75 -9.21 2.07
CA ILE D 338 -12.05 -8.87 0.84
C ILE D 338 -12.63 -9.70 -0.30
N SER D 339 -12.46 -9.22 -1.53
CA SER D 339 -12.91 -9.94 -2.71
C SER D 339 -12.13 -11.22 -2.88
N ARG D 340 -12.73 -12.20 -3.54
CA ARG D 340 -12.07 -13.46 -3.81
C ARG D 340 -11.07 -13.32 -4.95
N VAL D 341 -11.26 -12.30 -5.78
CA VAL D 341 -10.40 -12.04 -6.93
C VAL D 341 -9.28 -11.06 -6.57
N PHE D 342 -8.11 -11.26 -7.16
CA PHE D 342 -6.97 -10.33 -7.00
C PHE D 342 -6.07 -10.24 -8.22
N ARG D 343 -5.25 -9.20 -8.27
CA ARG D 343 -4.25 -9.02 -9.31
C ARG D 343 -3.07 -9.94 -9.08
N ARG D 344 -2.74 -10.75 -10.08
CA ARG D 344 -1.51 -11.54 -10.06
C ARG D 344 -0.50 -10.94 -11.02
N MET D 345 0.64 -10.53 -10.47
CA MET D 345 1.70 -9.87 -11.21
C MET D 345 2.34 -10.80 -12.24
N GLY D 346 2.27 -10.42 -13.51
CA GLY D 346 2.81 -11.22 -14.63
C GLY D 346 3.98 -10.58 -15.36
N PRO D 347 4.58 -11.29 -16.34
CA PRO D 347 5.81 -10.83 -16.98
C PRO D 347 5.61 -9.64 -17.92
N GLN D 348 6.71 -8.93 -18.18
CA GLN D 348 6.74 -7.89 -19.23
C GLN D 348 6.51 -8.57 -20.58
N PHE D 349 5.89 -7.85 -21.52
CA PHE D 349 5.42 -8.46 -22.77
C PHE D 349 6.50 -9.05 -23.69
N GLU D 350 7.74 -8.58 -23.55
CA GLU D 350 8.85 -9.03 -24.40
C GLU D 350 9.35 -10.45 -24.13
N ASP D 351 9.47 -10.81 -22.86
CA ASP D 351 10.02 -12.12 -22.46
C ASP D 351 9.09 -13.27 -22.86
N GLU D 352 9.01 -13.51 -24.16
CA GLU D 352 8.12 -14.50 -24.75
C GLU D 352 8.11 -15.81 -23.97
N ARG D 353 9.31 -16.27 -23.62
CA ARG D 353 9.51 -17.45 -22.78
C ARG D 353 8.54 -17.43 -21.58
N ASN D 354 8.72 -16.46 -20.70
CA ASN D 354 7.97 -16.36 -19.45
C ASN D 354 6.48 -16.07 -19.66
N VAL D 355 6.18 -15.35 -20.74
CA VAL D 355 4.81 -15.02 -21.12
C VAL D 355 4.00 -16.29 -21.26
N LYS D 356 4.46 -17.18 -22.14
CA LYS D 356 3.78 -18.42 -22.45
C LYS D 356 3.46 -19.22 -21.18
N LYS D 357 4.47 -19.43 -20.34
CA LYS D 357 4.31 -20.17 -19.08
C LYS D 357 3.19 -19.57 -18.25
N PHE D 358 3.26 -18.24 -18.07
CA PHE D 358 2.25 -17.50 -17.32
C PHE D 358 0.87 -17.72 -17.91
N LEU D 359 0.80 -17.85 -19.22
CA LEU D 359 -0.46 -18.02 -19.92
C LEU D 359 -0.92 -19.47 -19.99
N SER D 360 0.03 -20.38 -19.89
CA SER D 360 -0.26 -21.82 -19.93
C SER D 360 -1.12 -22.25 -18.74
N ARG D 361 -0.95 -21.56 -17.62
CA ARG D 361 -1.75 -21.78 -16.42
C ARG D 361 -3.23 -21.51 -16.72
N ASN D 362 -4.09 -22.37 -16.21
CA ASN D 362 -5.52 -22.26 -16.46
C ASN D 362 -6.23 -21.40 -15.40
N ARG D 363 -7.03 -20.46 -15.88
CA ARG D 363 -7.81 -19.57 -15.00
C ARG D 363 -9.23 -19.42 -15.49
N ALA D 364 -10.09 -18.84 -14.65
CA ALA D 364 -11.49 -18.59 -14.98
C ALA D 364 -11.68 -17.33 -15.84
N PHE D 365 -10.69 -16.45 -15.83
CA PHE D 365 -10.75 -15.19 -16.57
C PHE D 365 -9.47 -14.87 -17.35
N ARG D 366 -9.63 -14.21 -18.49
CA ARG D 366 -8.54 -13.88 -19.40
C ARG D 366 -7.51 -12.95 -18.76
N PRO D 367 -6.22 -13.23 -18.98
CA PRO D 367 -5.14 -12.32 -18.59
C PRO D 367 -5.02 -11.15 -19.56
N PHE D 368 -4.43 -10.05 -19.09
CA PHE D 368 -4.35 -8.83 -19.87
C PHE D 368 -3.01 -8.12 -19.70
N ILE D 369 -2.82 -7.06 -20.48
CA ILE D 369 -1.62 -6.23 -20.37
C ILE D 369 -1.97 -4.84 -19.86
N GLU D 370 -1.07 -4.29 -19.05
CA GLU D 370 -1.19 -2.94 -18.53
C GLU D 370 0.24 -2.44 -18.29
N ASN D 371 0.58 -1.33 -18.95
CA ASN D 371 1.93 -0.76 -18.87
C ASN D 371 3.04 -1.67 -19.38
N GLY D 372 2.73 -2.45 -20.41
CA GLY D 372 3.70 -3.36 -21.03
C GLY D 372 4.03 -4.59 -20.20
N ARG D 373 3.08 -5.01 -19.38
CA ARG D 373 3.26 -6.13 -18.46
C ARG D 373 1.96 -6.91 -18.32
N TRP D 374 2.07 -8.23 -18.20
CA TRP D 374 0.91 -9.09 -18.07
C TRP D 374 0.40 -9.16 -16.64
N TRP D 375 -0.93 -9.23 -16.50
CA TRP D 375 -1.57 -9.39 -15.20
C TRP D 375 -2.67 -10.42 -15.33
N ALA D 376 -3.00 -11.09 -14.23
CA ALA D 376 -4.02 -12.13 -14.24
C ALA D 376 -4.94 -12.04 -13.04
N PHE D 377 -6.21 -12.34 -13.28
CA PHE D 377 -7.18 -12.47 -12.22
C PHE D 377 -7.10 -13.89 -11.67
N GLU D 378 -6.93 -13.99 -10.35
CA GLU D 378 -6.88 -15.28 -9.66
C GLU D 378 -7.67 -15.27 -8.35
N MET D 379 -7.77 -16.45 -7.72
CA MET D 379 -8.60 -16.61 -6.53
C MET D 379 -7.78 -16.74 -5.25
N ARG D 380 -8.17 -15.97 -4.23
CA ARG D 380 -7.65 -16.13 -2.88
C ARG D 380 -8.24 -17.38 -2.26
N LYS D 381 -7.57 -17.93 -1.26
CA LYS D 381 -8.11 -19.06 -0.52
C LYS D 381 -8.83 -18.63 0.77
N PHE D 382 -8.86 -17.32 1.00
CA PHE D 382 -9.46 -16.74 2.20
C PHE D 382 -10.07 -15.38 1.88
N THR D 383 -11.21 -15.09 2.50
CA THR D 383 -11.94 -13.85 2.23
C THR D 383 -12.00 -12.88 3.44
N THR D 384 -11.89 -13.45 4.65
CA THR D 384 -11.86 -12.65 5.88
C THR D 384 -10.51 -12.78 6.57
N PRO D 385 -10.11 -11.76 7.35
CA PRO D 385 -8.83 -11.81 8.06
C PRO D 385 -8.76 -13.00 9.00
N GLU D 386 -9.92 -13.41 9.53
CA GLU D 386 -10.02 -14.60 10.36
C GLU D 386 -9.59 -15.84 9.58
N GLU D 387 -10.16 -15.99 8.37
CA GLU D 387 -9.81 -17.10 7.48
C GLU D 387 -8.33 -17.09 7.10
N GLY D 388 -7.80 -15.90 6.86
CA GLY D 388 -6.41 -15.72 6.46
C GLY D 388 -5.41 -16.09 7.54
N VAL D 389 -5.65 -15.58 8.74
CA VAL D 389 -4.82 -15.89 9.89
C VAL D 389 -4.83 -17.40 10.15
N ARG D 390 -6.01 -18.00 10.08
CA ARG D 390 -6.18 -19.44 10.21
C ARG D 390 -5.20 -20.15 9.28
N SER D 391 -5.19 -19.72 8.02
CA SER D 391 -4.28 -20.24 7.02
C SER D 391 -2.83 -19.97 7.40
N TYR D 392 -2.56 -18.77 7.93
CA TYR D 392 -1.20 -18.40 8.29
C TYR D 392 -0.69 -19.16 9.50
N ALA D 393 -1.50 -19.14 10.57
CA ALA D 393 -1.14 -19.81 11.81
C ALA D 393 -0.81 -21.28 11.56
N SER D 394 -1.65 -21.93 10.76
CA SER D 394 -1.49 -23.35 10.46
C SER D 394 -0.24 -23.65 9.64
N THR D 395 0.14 -22.73 8.75
CA THR D 395 1.25 -22.96 7.83
C THR D 395 2.57 -22.34 8.31
N HIS D 396 2.47 -21.30 9.13
CA HIS D 396 3.65 -20.56 9.55
C HIS D 396 3.72 -20.43 11.07
N TRP D 397 3.55 -21.55 11.76
CA TRP D 397 3.65 -21.60 13.22
C TRP D 397 5.09 -21.48 13.73
N HIS D 398 6.01 -22.11 13.00
CA HIS D 398 7.41 -22.23 13.40
C HIS D 398 8.11 -20.90 13.62
N THR D 399 7.76 -19.91 12.79
CA THR D 399 8.35 -18.58 12.89
C THR D 399 7.85 -17.80 14.10
N LEU D 400 6.72 -18.24 14.67
CA LEU D 400 6.09 -17.55 15.77
C LEU D 400 6.75 -17.93 17.10
N GLY D 401 8.07 -17.79 17.15
CA GLY D 401 8.84 -18.13 18.35
C GLY D 401 8.91 -19.62 18.56
N LYS D 402 9.84 -20.04 19.43
CA LYS D 402 10.06 -21.46 19.67
C LYS D 402 8.86 -22.10 20.36
N ASN D 403 8.58 -21.65 21.57
CA ASN D 403 7.59 -22.30 22.41
C ASN D 403 6.17 -21.92 22.04
N VAL D 404 5.99 -20.66 21.70
CA VAL D 404 4.69 -20.12 21.31
C VAL D 404 4.20 -20.79 20.01
N GLY D 405 5.06 -20.79 19.00
CA GLY D 405 4.74 -21.40 17.72
C GLY D 405 4.35 -22.86 17.85
N GLU D 406 5.06 -23.58 18.72
CA GLU D 406 4.81 -25.00 18.95
C GLU D 406 3.43 -25.20 19.58
N SER D 407 3.08 -24.32 20.52
CA SER D 407 1.79 -24.36 21.19
C SER D 407 0.63 -24.10 20.23
N ILE D 408 0.88 -23.24 19.25
CA ILE D 408 -0.12 -22.95 18.24
C ILE D 408 -0.19 -24.11 17.24
N ARG D 409 0.99 -24.54 16.79
CA ARG D 409 1.10 -25.67 15.86
C ARG D 409 0.19 -26.79 16.28
N GLU D 410 0.31 -27.17 17.55
CA GLU D 410 -0.44 -28.27 18.11
C GLU D 410 -1.92 -27.94 18.23
N TYR D 411 -2.24 -26.69 18.58
CA TYR D 411 -3.63 -26.27 18.73
C TYR D 411 -3.78 -24.77 18.73
N PHE D 412 -4.86 -24.31 18.11
CA PHE D 412 -5.30 -22.93 18.25
C PHE D 412 -6.76 -22.75 17.84
N GLU D 413 -7.35 -21.67 18.32
CA GLU D 413 -8.70 -21.24 17.95
C GLU D 413 -8.67 -19.77 17.55
N ILE D 414 -9.61 -19.37 16.70
CA ILE D 414 -9.81 -17.97 16.38
C ILE D 414 -11.21 -17.57 16.81
N ILE D 415 -11.29 -16.54 17.65
CA ILE D 415 -12.55 -16.16 18.25
C ILE D 415 -12.94 -14.75 17.80
N SER D 416 -14.20 -14.61 17.39
CA SER D 416 -14.69 -13.34 16.85
C SER D 416 -15.92 -12.79 17.58
N GLY D 417 -15.85 -11.50 17.88
CA GLY D 417 -16.98 -10.75 18.43
C GLY D 417 -17.46 -11.18 19.80
N GLU D 418 -18.74 -11.51 19.85
CA GLU D 418 -19.46 -11.80 21.11
C GLU D 418 -18.82 -12.89 21.94
N LYS D 419 -18.27 -13.89 21.25
CA LYS D 419 -17.59 -15.01 21.89
C LYS D 419 -16.33 -14.52 22.59
N LEU D 420 -15.58 -13.66 21.92
CA LEU D 420 -14.30 -13.15 22.40
C LEU D 420 -14.48 -12.26 23.63
N PHE D 421 -15.55 -11.48 23.65
CA PHE D 421 -15.81 -10.54 24.73
C PHE D 421 -15.94 -11.25 26.06
N LYS D 422 -16.34 -12.52 26.01
CA LYS D 422 -16.44 -13.37 27.18
C LYS D 422 -15.07 -13.77 27.73
N GLU D 423 -14.04 -13.72 26.89
CA GLU D 423 -12.67 -14.04 27.29
C GLU D 423 -12.03 -12.90 28.10
N PRO D 424 -11.01 -13.21 28.95
CA PRO D 424 -10.44 -12.24 29.88
C PRO D 424 -9.53 -11.22 29.20
N VAL D 425 -10.01 -10.68 28.08
CA VAL D 425 -9.21 -9.81 27.24
C VAL D 425 -9.86 -8.44 27.12
N THR D 426 -10.91 -8.23 27.92
CA THR D 426 -11.66 -6.98 27.92
C THR D 426 -10.75 -5.76 28.06
N ALA D 427 -9.92 -5.76 29.10
CA ALA D 427 -9.05 -4.62 29.42
C ALA D 427 -8.14 -4.20 28.26
N GLU D 428 -7.46 -5.18 27.67
CA GLU D 428 -6.51 -4.94 26.59
C GLU D 428 -7.21 -4.47 25.31
N LEU D 429 -8.37 -5.05 25.01
CA LEU D 429 -9.18 -4.64 23.86
C LEU D 429 -9.49 -3.16 23.93
N CYS D 430 -9.92 -2.72 25.12
CA CYS D 430 -10.19 -1.32 25.39
C CYS D 430 -8.94 -0.46 25.22
N GLU D 431 -7.81 -1.02 25.65
CA GLU D 431 -6.52 -0.35 25.57
C GLU D 431 -6.04 -0.30 24.11
N MET D 432 -6.32 -1.36 23.36
CA MET D 432 -5.93 -1.46 21.96
C MET D 432 -6.75 -0.49 21.10
N MET D 433 -8.04 -0.40 21.42
CA MET D 433 -8.94 0.46 20.67
C MET D 433 -8.99 1.87 21.23
N GLY D 434 -8.41 2.06 22.41
CA GLY D 434 -8.28 3.38 23.03
C GLY D 434 -9.54 3.97 23.62
N VAL D 435 -10.36 3.10 24.22
CA VAL D 435 -11.68 3.48 24.72
C VAL D 435 -11.59 4.44 25.91
N LYS D 436 -12.49 5.42 25.94
CA LYS D 436 -12.63 6.34 27.06
C LYS D 436 -13.53 5.76 28.16
N ASP D 437 -13.51 6.39 29.34
CA ASP D 437 -14.32 5.94 30.49
C ASP D 437 -15.60 6.76 30.66
#